data_2A3Z
#
_entry.id   2A3Z
#
_cell.length_a   153.270
_cell.length_b   41.798
_cell.length_c   119.418
_cell.angle_alpha   90.00
_cell.angle_beta   108.68
_cell.angle_gamma   90.00
#
_symmetry.space_group_name_H-M   'C 1 2 1'
#
loop_
_entity.id
_entity.type
_entity.pdbx_description
1 polymer 'Actin, alpha skeletal muscle'
2 polymer Deoxyribonuclease-1
3 polymer 'Wiskott-Aldrich syndrome protein'
4 branched 2-acetamido-2-deoxy-beta-D-glucopyranose-(1-4)-2-acetamido-2-deoxy-beta-D-glucopyranose
5 non-polymer 'CALCIUM ION'
6 non-polymer "ADENOSINE-5'-TRIPHOSPHATE"
7 non-polymer GLYCEROL
8 non-polymer 'MAGNESIUM ION'
9 non-polymer 'FORMIC ACID'
10 water water
#
loop_
_entity_poly.entity_id
_entity_poly.type
_entity_poly.pdbx_seq_one_letter_code
_entity_poly.pdbx_strand_id
1 'polypeptide(L)'
;DEDETTALVCDNGSGLVKAGFAGDDAPRAVFPSIVGRPRHQGVMVGMGQKDSYVGDEAQSKRGILTLKYPIE(HIC)GII
TNWDDMEKIWHHTFYNELRVAPEEHPTLLTEAPLNPKANREKMTQIMFETFNVPAMYVAIQAVLSLYASGRTTGIVLDSG
DGVTHNVPIYEGYALPHAIMRLDLAGRDLTDYLMKILTERGYSFVTTAEREIVRDIKEKLCYVALDFENEMATAASSSSL
EKSYELPDGQVITIGNERFRCPETLFQPSFIGMESAGIHETTYNSIMKCDIDIRKDLYANNVMSGGTTMYPGIADRMQKE
ITALAPSTMKIKIIAPPERKYSVWIGGSILASLSTFQQMWITKQEYDEAGPSIVHRKCF
;
A
2 'polypeptide(L)'
;LKIAAFNIRTFGETKMSNATLASYIVRIVRRYDIVLIQEVRDSHLVAVGKLLDYLNQDDPNTYHYVVSEPLGRNSYKERY
LFLFRPNKVSVLDTYQYDDGCESCGNDSFSREPAVVKFSSHSTKVKEFAIVALHSAPSDAVAEINSLYDVYLDVQQKWHL
NDVMLMGDFNADCSYVTSSQWSSIRLRTSSTFQWLIPDSADTTATSTNCAYDRIVVAGSLLQSSVVPGSAAPFDFQAAYG
LSNEMALAISDHYPVEVTLT
;
B
3 'polypeptide(L)' GRGALLDQIRQGIQLNKTPGAPESSALQP C
#
# COMPACT_ATOMS: atom_id res chain seq x y z
N THR A 5 -25.82 -14.64 -13.01
CA THR A 5 -26.32 -13.96 -14.27
C THR A 5 -26.29 -12.44 -14.09
N THR A 6 -25.55 -12.01 -13.07
CA THR A 6 -25.16 -10.62 -12.94
C THR A 6 -23.73 -10.54 -13.45
N ALA A 7 -23.49 -9.64 -14.40
CA ALA A 7 -22.17 -9.50 -15.01
C ALA A 7 -21.23 -8.71 -14.12
N LEU A 8 -19.93 -8.97 -14.31
CA LEU A 8 -18.90 -8.21 -13.63
C LEU A 8 -18.32 -7.22 -14.60
N VAL A 9 -17.91 -6.08 -14.05
CA VAL A 9 -17.20 -5.08 -14.81
C VAL A 9 -15.86 -4.88 -14.12
N CYS A 10 -14.79 -5.16 -14.87
CA CYS A 10 -13.44 -4.93 -14.40
C CYS A 10 -12.65 -4.00 -15.36
N ASP A 11 -12.31 -2.84 -14.83
CA ASP A 11 -11.59 -1.79 -15.54
C ASP A 11 -10.17 -1.72 -14.94
N ASN A 12 -9.21 -2.29 -15.65
CA ASN A 12 -7.82 -2.41 -15.19
C ASN A 12 -6.98 -1.26 -15.72
N GLY A 13 -6.42 -0.47 -14.82
CA GLY A 13 -5.56 0.64 -15.26
C GLY A 13 -4.12 0.48 -14.81
N SER A 14 -3.25 1.37 -15.32
CA SER A 14 -1.87 1.47 -14.93
C SER A 14 -1.68 1.62 -13.44
N GLY A 15 -2.57 2.33 -12.76
CA GLY A 15 -2.43 2.63 -11.31
C GLY A 15 -3.46 1.92 -10.44
N LEU A 16 -4.73 1.92 -10.90
CA LEU A 16 -5.86 1.35 -10.16
C LEU A 16 -6.68 0.37 -10.95
N VAL A 17 -7.15 -0.68 -10.28
CA VAL A 17 -8.20 -1.57 -10.79
C VAL A 17 -9.51 -1.01 -10.26
N LYS A 18 -10.52 -0.78 -11.11
CA LYS A 18 -11.89 -0.43 -10.68
C LYS A 18 -12.74 -1.63 -11.05
N ALA A 19 -13.36 -2.26 -10.06
CA ALA A 19 -14.10 -3.49 -10.32
C ALA A 19 -15.45 -3.52 -9.63
N GLY A 20 -16.46 -4.11 -10.26
CA GLY A 20 -17.80 -4.03 -9.65
C GLY A 20 -18.85 -4.82 -10.41
N PHE A 21 -20.11 -4.52 -10.14
CA PHE A 21 -21.19 -5.27 -10.76
C PHE A 21 -21.94 -4.45 -11.79
N ALA A 22 -22.25 -5.06 -12.93
CA ALA A 22 -22.99 -4.36 -13.95
C ALA A 22 -24.36 -3.97 -13.40
N GLY A 23 -24.76 -2.75 -13.70
CA GLY A 23 -26.00 -2.21 -13.20
C GLY A 23 -25.81 -1.27 -12.02
N ASP A 24 -24.65 -1.34 -11.34
CA ASP A 24 -24.37 -0.46 -10.19
C ASP A 24 -23.83 0.87 -10.68
N ASP A 25 -23.92 1.92 -9.86
CA ASP A 25 -23.46 3.21 -10.36
C ASP A 25 -21.98 3.52 -10.07
N ALA A 26 -21.30 2.64 -9.36
CA ALA A 26 -19.87 2.84 -9.04
C ALA A 26 -19.20 1.49 -8.79
N PRO A 27 -17.87 1.41 -9.02
CA PRO A 27 -17.17 0.16 -8.72
C PRO A 27 -17.33 -0.14 -7.24
N ARG A 28 -17.43 -1.42 -6.87
CA ARG A 28 -17.42 -1.80 -5.47
C ARG A 28 -16.02 -1.76 -4.90
N ALA A 29 -15.02 -2.01 -5.74
CA ALA A 29 -13.63 -2.17 -5.31
C ALA A 29 -12.75 -1.27 -6.17
N VAL A 30 -11.96 -0.39 -5.55
CA VAL A 30 -10.92 0.32 -6.26
C VAL A 30 -9.60 0.12 -5.47
N PHE A 31 -8.52 -0.35 -6.12
CA PHE A 31 -7.27 -0.65 -5.42
C PHE A 31 -6.10 -0.63 -6.38
N PRO A 32 -4.88 -0.44 -5.87
CA PRO A 32 -3.66 -0.34 -6.65
C PRO A 32 -3.34 -1.54 -7.53
N SER A 33 -2.99 -1.29 -8.79
CA SER A 33 -2.69 -2.38 -9.73
CA SER A 33 -2.70 -2.39 -9.72
C SER A 33 -1.27 -2.90 -9.50
N ILE A 34 -1.00 -3.40 -8.31
CA ILE A 34 0.35 -3.75 -7.89
C ILE A 34 0.34 -5.18 -7.35
N VAL A 35 1.39 -5.95 -7.62
CA VAL A 35 1.64 -7.25 -6.98
C VAL A 35 3.03 -7.20 -6.33
N GLY A 36 3.11 -7.62 -5.07
CA GLY A 36 4.40 -7.68 -4.40
C GLY A 36 4.69 -9.08 -3.89
N ARG A 37 5.92 -9.56 -4.11
CA ARG A 37 6.38 -10.83 -3.57
C ARG A 37 7.44 -10.58 -2.51
N PRO A 38 7.33 -11.25 -1.33
CA PRO A 38 8.29 -11.08 -0.24
C PRO A 38 9.73 -11.26 -0.69
N ARG A 39 10.59 -10.33 -0.28
CA ARG A 39 12.02 -10.36 -0.58
C ARG A 39 12.73 -11.32 0.38
N HIS A 40 12.10 -11.61 1.51
CA HIS A 40 12.70 -12.48 2.53
C HIS A 40 11.66 -13.48 3.01
N GLN A 41 12.10 -14.51 3.72
CA GLN A 41 11.22 -15.56 4.24
CA GLN A 41 11.20 -15.53 4.22
C GLN A 41 10.68 -15.23 5.64
N GLY A 42 9.37 -15.34 5.85
CA GLY A 42 8.79 -15.13 7.20
C GLY A 42 7.29 -14.93 7.13
N VAL A 43 6.66 -14.55 8.24
CA VAL A 43 5.19 -14.43 8.30
C VAL A 43 4.77 -13.21 9.09
N MET A 44 3.56 -12.74 8.83
CA MET A 44 2.89 -11.78 9.72
C MET A 44 2.33 -12.61 10.89
N VAL A 45 2.33 -12.06 12.11
CA VAL A 45 1.82 -12.76 13.30
C VAL A 45 0.43 -13.34 13.01
N GLY A 46 0.23 -14.62 13.32
CA GLY A 46 -1.04 -15.29 13.12
C GLY A 46 -1.44 -15.67 11.71
N MET A 47 -0.51 -15.56 10.75
CA MET A 47 -0.78 -15.80 9.33
C MET A 47 0.20 -16.84 8.84
N GLY A 48 -0.08 -17.49 7.70
CA GLY A 48 0.91 -18.36 7.06
C GLY A 48 1.78 -17.61 6.07
N GLN A 49 2.75 -18.30 5.47
CA GLN A 49 3.64 -17.65 4.51
C GLN A 49 2.85 -17.25 3.23
N LYS A 50 2.94 -16.01 2.77
CA LYS A 50 2.19 -15.63 1.58
C LYS A 50 3.16 -15.56 0.41
N ASP A 51 2.77 -16.05 -0.77
CA ASP A 51 3.68 -15.90 -1.91
C ASP A 51 3.60 -14.51 -2.56
N SER A 52 2.48 -13.83 -2.39
CA SER A 52 2.28 -12.50 -2.99
C SER A 52 1.17 -11.74 -2.27
N TYR A 53 1.28 -10.42 -2.34
CA TYR A 53 0.20 -9.52 -1.96
C TYR A 53 -0.25 -8.70 -3.18
N VAL A 54 -1.53 -8.36 -3.25
CA VAL A 54 -2.05 -7.51 -4.32
C VAL A 54 -2.76 -6.31 -3.71
N GLY A 55 -2.69 -5.17 -4.39
CA GLY A 55 -3.48 -4.01 -4.05
C GLY A 55 -3.02 -3.27 -2.82
N ASP A 56 -3.97 -2.85 -1.98
CA ASP A 56 -3.66 -2.04 -0.80
C ASP A 56 -2.66 -2.70 0.14
N GLU A 57 -2.77 -4.00 0.32
CA GLU A 57 -1.87 -4.69 1.24
C GLU A 57 -0.46 -4.74 0.70
N ALA A 58 -0.32 -4.89 -0.63
CA ALA A 58 1.00 -4.77 -1.25
C ALA A 58 1.66 -3.40 -0.99
N GLN A 59 0.90 -2.33 -1.15
CA GLN A 59 1.42 -0.99 -0.87
C GLN A 59 1.85 -0.83 0.58
N SER A 60 1.03 -1.33 1.50
CA SER A 60 1.29 -0.99 2.89
C SER A 60 2.37 -1.88 3.49
N LYS A 61 2.68 -3.00 2.82
CA LYS A 61 3.77 -3.90 3.24
C LYS A 61 4.94 -3.83 2.25
N ARG A 62 4.97 -2.79 1.43
CA ARG A 62 5.95 -2.71 0.33
C ARG A 62 7.41 -2.85 0.75
N GLY A 63 7.79 -2.42 1.95
CA GLY A 63 9.21 -2.43 2.38
C GLY A 63 9.84 -3.81 2.45
N ILE A 64 9.03 -4.84 2.65
CA ILE A 64 9.55 -6.22 2.60
C ILE A 64 9.22 -6.95 1.31
N LEU A 65 8.72 -6.23 0.31
CA LEU A 65 8.31 -6.84 -0.93
C LEU A 65 9.13 -6.29 -2.07
N THR A 66 9.11 -7.03 -3.19
CA THR A 66 9.46 -6.49 -4.52
C THR A 66 8.16 -6.23 -5.29
N LEU A 67 7.90 -4.97 -5.65
CA LEU A 67 6.62 -4.60 -6.33
C LEU A 67 6.77 -4.65 -7.83
N LYS A 68 5.71 -5.08 -8.51
CA LYS A 68 5.62 -5.02 -9.95
C LYS A 68 4.28 -4.38 -10.35
N TYR A 69 4.33 -3.53 -11.37
CA TYR A 69 3.20 -2.91 -12.05
C TYR A 69 2.95 -3.62 -13.39
N PRO A 70 2.05 -4.60 -13.40
CA PRO A 70 1.89 -5.37 -14.63
C PRO A 70 1.15 -4.61 -15.76
N ILE A 71 0.56 -3.43 -15.49
CA ILE A 71 -0.04 -2.65 -16.58
C ILE A 71 0.81 -1.42 -16.77
N GLU A 72 1.38 -1.25 -17.96
CA GLU A 72 2.27 -0.13 -18.23
C GLU A 72 1.69 0.76 -19.31
N GLY A 74 -1.24 1.69 -19.74
CA GLY A 74 -2.54 1.15 -20.13
C GLY A 74 -2.49 -0.28 -20.65
N ILE A 75 -1.31 -0.80 -20.94
CA ILE A 75 -1.18 -2.09 -21.64
C ILE A 75 -0.64 -3.16 -20.69
N ILE A 76 -1.22 -4.37 -20.70
CA ILE A 76 -0.75 -5.48 -19.85
C ILE A 76 0.55 -6.02 -20.42
N THR A 77 1.60 -6.00 -19.60
CA THR A 77 2.95 -6.44 -20.04
C THR A 77 3.48 -7.58 -19.18
N ASN A 78 2.78 -7.93 -18.11
CA ASN A 78 3.24 -9.05 -17.27
C ASN A 78 2.06 -9.90 -16.96
N TRP A 79 1.95 -11.04 -17.64
CA TRP A 79 0.75 -11.91 -17.54
C TRP A 79 0.61 -12.73 -16.26
N ASP A 80 1.72 -13.18 -15.66
CA ASP A 80 1.62 -13.92 -14.39
C ASP A 80 1.15 -12.98 -13.30
N ASP A 81 1.71 -11.75 -13.29
CA ASP A 81 1.25 -10.76 -12.34
C ASP A 81 -0.19 -10.34 -12.59
N MET A 82 -0.62 -10.22 -13.85
CA MET A 82 -1.99 -9.82 -14.18
C MET A 82 -2.98 -10.89 -13.71
N GLU A 83 -2.56 -12.15 -13.81
CA GLU A 83 -3.41 -13.22 -13.33
C GLU A 83 -3.66 -13.15 -11.86
N LYS A 84 -2.60 -12.83 -11.11
CA LYS A 84 -2.67 -12.60 -9.65
C LYS A 84 -3.68 -11.50 -9.33
N ILE A 85 -3.58 -10.38 -10.06
CA ILE A 85 -4.50 -9.27 -9.86
C ILE A 85 -5.97 -9.66 -10.14
N TRP A 86 -6.21 -10.41 -11.21
CA TRP A 86 -7.58 -10.82 -11.51
C TRP A 86 -8.05 -11.85 -10.51
N HIS A 87 -7.16 -12.78 -10.12
CA HIS A 87 -7.50 -13.75 -9.05
C HIS A 87 -7.98 -12.97 -7.79
N HIS A 88 -7.18 -12.00 -7.37
CA HIS A 88 -7.45 -11.18 -6.20
C HIS A 88 -8.76 -10.40 -6.36
N THR A 89 -8.98 -9.82 -7.53
CA THR A 89 -10.28 -9.19 -7.86
C THR A 89 -11.51 -10.11 -7.65
N PHE A 90 -11.54 -11.27 -8.29
CA PHE A 90 -12.67 -12.16 -8.14
C PHE A 90 -12.85 -12.60 -6.70
N TYR A 91 -11.84 -13.24 -6.11
CA TYR A 91 -12.04 -13.96 -4.88
C TYR A 91 -11.97 -13.05 -3.63
N ASN A 92 -11.06 -12.09 -3.61
CA ASN A 92 -10.84 -11.29 -2.40
C ASN A 92 -11.61 -10.02 -2.34
N GLU A 93 -11.67 -9.31 -3.46
CA GLU A 93 -12.35 -8.02 -3.51
C GLU A 93 -13.84 -8.13 -3.75
N LEU A 94 -14.27 -8.82 -4.80
CA LEU A 94 -15.67 -8.89 -5.12
C LEU A 94 -16.32 -10.08 -4.41
N ARG A 95 -15.50 -11.03 -4.00
CA ARG A 95 -15.95 -12.30 -3.41
C ARG A 95 -16.95 -13.10 -4.29
N VAL A 96 -16.62 -13.30 -5.55
CA VAL A 96 -17.46 -14.04 -6.52
C VAL A 96 -16.78 -15.30 -7.02
N ALA A 97 -17.55 -16.21 -7.60
CA ALA A 97 -17.00 -17.30 -8.39
C ALA A 97 -17.05 -16.84 -9.83
N PRO A 98 -15.88 -16.65 -10.46
CA PRO A 98 -15.84 -16.12 -11.81
C PRO A 98 -16.54 -17.03 -12.83
N GLU A 99 -16.54 -18.36 -12.60
CA GLU A 99 -17.30 -19.30 -13.45
C GLU A 99 -18.81 -19.04 -13.45
N GLU A 100 -19.29 -18.21 -12.53
CA GLU A 100 -20.71 -17.90 -12.43
C GLU A 100 -21.12 -16.57 -13.09
N HIS A 101 -20.15 -15.85 -13.66
CA HIS A 101 -20.42 -14.46 -14.07
C HIS A 101 -19.90 -14.07 -15.44
N PRO A 102 -20.80 -13.61 -16.34
CA PRO A 102 -20.22 -13.00 -17.55
C PRO A 102 -19.38 -11.80 -17.13
N THR A 103 -18.24 -11.58 -17.78
CA THR A 103 -17.28 -10.59 -17.31
C THR A 103 -16.89 -9.63 -18.42
N LEU A 104 -17.10 -8.35 -18.22
CA LEU A 104 -16.67 -7.35 -19.18
C LEU A 104 -15.32 -6.75 -18.74
N LEU A 105 -14.30 -6.79 -19.60
CA LEU A 105 -12.97 -6.24 -19.28
C LEU A 105 -12.77 -5.06 -20.23
N THR A 106 -11.87 -4.14 -19.88
CA THR A 106 -11.62 -2.95 -20.67
C THR A 106 -10.19 -3.08 -21.17
N GLU A 107 -9.83 -2.34 -22.22
CA GLU A 107 -8.48 -2.30 -22.72
C GLU A 107 -8.15 -0.89 -23.22
N ALA A 108 -6.85 -0.66 -23.37
CA ALA A 108 -6.35 0.66 -23.81
C ALA A 108 -6.63 0.81 -25.31
N PRO A 109 -6.78 2.05 -25.80
CA PRO A 109 -6.75 2.35 -27.21
C PRO A 109 -5.48 1.76 -27.78
N LEU A 110 -5.58 1.25 -29.00
CA LEU A 110 -4.45 0.64 -29.72
C LEU A 110 -3.84 -0.61 -29.07
N ASN A 111 -4.60 -1.30 -28.22
CA ASN A 111 -4.14 -2.55 -27.60
C ASN A 111 -3.86 -3.55 -28.72
N PRO A 112 -2.67 -4.16 -28.74
CA PRO A 112 -2.45 -5.14 -29.82
C PRO A 112 -3.47 -6.27 -29.77
N LYS A 113 -3.85 -6.77 -30.95
CA LYS A 113 -4.80 -7.89 -31.03
CA LYS A 113 -4.77 -7.91 -31.09
C LYS A 113 -4.30 -9.13 -30.29
N ALA A 114 -3.00 -9.39 -30.32
CA ALA A 114 -2.45 -10.54 -29.60
C ALA A 114 -2.64 -10.44 -28.07
N ASN A 115 -2.66 -9.19 -27.58
CA ASN A 115 -2.86 -8.88 -26.18
C ASN A 115 -4.32 -9.15 -25.78
N ARG A 116 -5.30 -8.69 -26.58
CA ARG A 116 -6.71 -9.00 -26.36
CA ARG A 116 -6.71 -9.00 -26.32
C ARG A 116 -6.98 -10.50 -26.37
N GLU A 117 -6.29 -11.21 -27.26
CA GLU A 117 -6.45 -12.67 -27.31
C GLU A 117 -5.89 -13.39 -26.08
N LYS A 118 -4.76 -12.88 -25.55
CA LYS A 118 -4.20 -13.47 -24.32
C LYS A 118 -5.18 -13.22 -23.14
N MET A 119 -5.73 -12.00 -23.00
CA MET A 119 -6.81 -11.68 -22.03
CA MET A 119 -6.78 -11.71 -22.01
C MET A 119 -7.96 -12.70 -22.09
N THR A 120 -8.45 -12.91 -23.30
CA THR A 120 -9.57 -13.79 -23.57
C THR A 120 -9.19 -15.23 -23.16
N GLN A 121 -7.99 -15.64 -23.56
CA GLN A 121 -7.49 -16.95 -23.21
C GLN A 121 -7.44 -17.18 -21.70
N ILE A 122 -6.88 -16.25 -20.93
CA ILE A 122 -6.87 -16.37 -19.47
C ILE A 122 -8.27 -16.44 -18.84
N MET A 123 -9.17 -15.56 -19.27
CA MET A 123 -10.51 -15.51 -18.67
C MET A 123 -11.25 -16.83 -18.83
N PHE A 124 -11.11 -17.45 -20.00
CA PHE A 124 -11.77 -18.73 -20.32
C PHE A 124 -11.04 -19.94 -19.77
N GLU A 125 -9.74 -20.07 -20.04
CA GLU A 125 -8.99 -21.24 -19.61
C GLU A 125 -8.58 -21.21 -18.15
N THR A 126 -8.22 -20.05 -17.63
CA THR A 126 -7.78 -19.95 -16.25
C THR A 126 -8.91 -19.71 -15.27
N PHE A 127 -9.82 -18.79 -15.59
CA PHE A 127 -10.94 -18.44 -14.70
C PHE A 127 -12.33 -19.07 -14.97
N ASN A 128 -12.42 -19.73 -16.13
CA ASN A 128 -13.62 -20.48 -16.53
CA ASN A 128 -13.61 -20.45 -16.58
C ASN A 128 -14.89 -19.61 -16.60
N VAL A 129 -14.77 -18.32 -17.00
CA VAL A 129 -15.97 -17.46 -17.08
C VAL A 129 -16.94 -18.06 -18.10
N PRO A 130 -18.26 -17.88 -17.91
CA PRO A 130 -19.19 -18.40 -18.90
C PRO A 130 -19.20 -17.57 -20.19
N ALA A 131 -18.75 -16.33 -20.11
CA ALA A 131 -18.90 -15.36 -21.18
C ALA A 131 -18.07 -14.14 -20.84
N MET A 132 -17.65 -13.39 -21.85
CA MET A 132 -16.91 -12.16 -21.59
C MET A 132 -16.94 -11.24 -22.78
N TYR A 133 -16.41 -10.05 -22.60
CA TYR A 133 -16.27 -9.07 -23.67
C TYR A 133 -15.13 -8.12 -23.29
N VAL A 134 -14.42 -7.56 -24.27
CA VAL A 134 -13.42 -6.53 -24.03
C VAL A 134 -13.88 -5.25 -24.75
N ALA A 135 -14.05 -4.14 -24.04
CA ALA A 135 -14.41 -2.86 -24.64
C ALA A 135 -13.22 -1.93 -24.51
N ILE A 136 -13.13 -0.96 -25.41
CA ILE A 136 -12.08 0.06 -25.37
C ILE A 136 -12.50 1.09 -24.31
N GLN A 137 -11.60 1.37 -23.35
CA GLN A 137 -11.82 2.34 -22.26
C GLN A 137 -12.47 3.64 -22.70
N ALA A 138 -11.93 4.31 -23.72
CA ALA A 138 -12.42 5.65 -24.07
C ALA A 138 -13.85 5.62 -24.61
N VAL A 139 -14.20 4.53 -25.28
CA VAL A 139 -15.49 4.41 -25.91
C VAL A 139 -16.46 4.28 -24.76
N LEU A 140 -16.11 3.52 -23.73
CA LEU A 140 -17.02 3.39 -22.57
C LEU A 140 -17.25 4.73 -21.86
N SER A 141 -16.21 5.55 -21.75
CA SER A 141 -16.35 6.90 -21.13
C SER A 141 -17.34 7.70 -21.94
N LEU A 142 -17.27 7.62 -23.28
CA LEU A 142 -18.19 8.37 -24.12
C LEU A 142 -19.64 7.93 -23.93
N TYR A 143 -19.82 6.61 -23.91
CA TYR A 143 -21.13 5.94 -23.66
C TYR A 143 -21.74 6.40 -22.33
N ALA A 144 -20.90 6.46 -21.31
CA ALA A 144 -21.25 6.93 -19.96
C ALA A 144 -21.84 8.32 -19.94
N SER A 145 -21.49 9.13 -20.93
CA SER A 145 -21.93 10.52 -21.02
C SER A 145 -23.13 10.62 -21.95
N GLY A 146 -23.63 9.47 -22.40
CA GLY A 146 -24.87 9.38 -23.18
C GLY A 146 -24.63 9.75 -24.63
N ARG A 147 -23.38 9.59 -25.09
CA ARG A 147 -23.12 9.91 -26.47
C ARG A 147 -22.42 8.85 -27.32
N THR A 148 -22.53 8.96 -28.64
CA THR A 148 -21.91 7.98 -29.58
C THR A 148 -20.90 8.58 -30.56
N THR A 149 -20.84 9.91 -30.67
CA THR A 149 -19.80 10.65 -31.38
C THR A 149 -19.21 11.73 -30.44
N GLY A 150 -17.87 11.85 -30.46
CA GLY A 150 -17.17 12.86 -29.67
C GLY A 150 -15.72 12.44 -29.63
N ILE A 151 -14.90 13.25 -28.97
CA ILE A 151 -13.51 12.86 -28.77
C ILE A 151 -13.20 12.78 -27.28
N VAL A 152 -12.66 11.65 -26.84
CA VAL A 152 -12.38 11.48 -25.43
C VAL A 152 -10.98 11.92 -25.14
N LEU A 153 -10.80 12.70 -24.07
CA LEU A 153 -9.47 12.80 -23.40
C LEU A 153 -9.47 11.92 -22.15
N ASP A 154 -8.69 10.86 -22.12
CA ASP A 154 -8.70 9.91 -21.00
C ASP A 154 -7.29 10.01 -20.39
N SER A 155 -7.19 10.46 -19.14
CA SER A 155 -5.89 10.64 -18.52
C SER A 155 -5.97 9.98 -17.16
N GLY A 156 -5.10 9.00 -16.93
CA GLY A 156 -5.15 8.22 -15.72
C GLY A 156 -3.89 8.35 -14.89
N ASP A 157 -3.30 7.23 -14.49
CA ASP A 157 -2.10 7.27 -13.67
C ASP A 157 -0.84 7.11 -14.51
N GLY A 158 -0.98 6.39 -15.62
CA GLY A 158 0.20 6.06 -16.40
C GLY A 158 0.19 6.63 -17.81
N VAL A 159 -0.96 7.05 -18.36
CA VAL A 159 -1.03 7.34 -19.79
C VAL A 159 -2.12 8.32 -20.08
N THR A 160 -1.96 9.11 -21.12
CA THR A 160 -3.05 9.99 -21.54
C THR A 160 -3.32 9.70 -23.03
N HIS A 161 -4.58 9.49 -23.41
CA HIS A 161 -4.85 9.36 -24.85
C HIS A 161 -5.92 10.35 -25.26
N ASN A 162 -5.90 10.76 -26.53
CA ASN A 162 -7.09 11.36 -27.21
C ASN A 162 -7.72 10.33 -28.15
N VAL A 163 -9.04 10.13 -28.07
CA VAL A 163 -9.68 9.16 -28.89
C VAL A 163 -10.93 9.70 -29.57
N PRO A 164 -10.85 9.96 -30.88
CA PRO A 164 -12.04 10.35 -31.62
C PRO A 164 -12.90 9.15 -31.97
N ILE A 165 -14.21 9.28 -31.74
CA ILE A 165 -15.13 8.16 -31.89
C ILE A 165 -16.26 8.67 -32.77
N TYR A 166 -16.54 7.99 -33.88
CA TYR A 166 -17.55 8.41 -34.84
C TYR A 166 -18.64 7.32 -34.85
N GLU A 167 -19.79 7.68 -34.32
CA GLU A 167 -20.92 6.74 -34.21
C GLU A 167 -20.41 5.43 -33.62
N GLY A 168 -19.75 5.51 -32.47
CA GLY A 168 -19.34 4.29 -31.77
C GLY A 168 -18.05 3.64 -32.21
N TYR A 169 -17.43 4.17 -33.29
CA TYR A 169 -16.24 3.59 -33.92
C TYR A 169 -15.04 4.42 -33.52
N ALA A 170 -14.16 3.92 -32.66
CA ALA A 170 -12.98 4.65 -32.26
C ALA A 170 -12.06 4.67 -33.51
N LEU A 171 -11.56 5.84 -33.91
CA LEU A 171 -10.77 5.96 -35.16
C LEU A 171 -9.28 5.79 -34.88
N PRO A 172 -8.76 4.59 -35.10
CA PRO A 172 -7.41 4.30 -34.61
C PRO A 172 -6.33 5.17 -35.24
N HIS A 173 -6.53 5.64 -36.48
CA HIS A 173 -5.49 6.42 -37.14
C HIS A 173 -5.36 7.81 -36.52
N ALA A 174 -6.36 8.25 -35.76
CA ALA A 174 -6.38 9.59 -35.22
C ALA A 174 -6.07 9.62 -33.73
N ILE A 175 -5.82 8.45 -33.15
CA ILE A 175 -5.58 8.33 -31.72
C ILE A 175 -4.21 8.90 -31.41
N MET A 176 -4.17 9.71 -30.35
CA MET A 176 -2.91 10.24 -29.86
C MET A 176 -2.64 9.65 -28.46
N ARG A 177 -1.40 9.25 -28.20
CA ARG A 177 -1.00 8.73 -26.87
C ARG A 177 0.03 9.65 -26.31
N LEU A 178 -0.14 10.08 -25.06
CA LEU A 178 0.84 10.93 -24.40
C LEU A 178 1.28 10.20 -23.11
N ASP A 179 2.56 9.88 -22.98
CA ASP A 179 3.06 9.16 -21.82
C ASP A 179 3.39 10.16 -20.70
N LEU A 180 2.35 10.79 -20.19
CA LEU A 180 2.47 11.72 -19.07
C LEU A 180 1.10 11.65 -18.43
N ALA A 181 1.06 11.27 -17.16
CA ALA A 181 -0.21 11.25 -16.47
C ALA A 181 -0.04 11.43 -14.96
N GLY A 182 -1.00 10.96 -14.14
CA GLY A 182 -1.08 11.22 -12.71
C GLY A 182 0.20 10.95 -11.95
N ARG A 183 0.85 9.84 -12.26
CA ARG A 183 2.11 9.49 -11.60
C ARG A 183 3.21 10.55 -11.80
N ASP A 184 3.33 11.06 -13.02
CA ASP A 184 4.34 12.07 -13.36
C ASP A 184 4.05 13.32 -12.61
N LEU A 185 2.75 13.58 -12.41
CA LEU A 185 2.30 14.81 -11.73
C LEU A 185 2.62 14.73 -10.22
N THR A 186 2.34 13.59 -9.61
CA THR A 186 2.72 13.38 -8.20
C THR A 186 4.24 13.56 -8.02
N ASP A 187 5.01 12.99 -8.93
CA ASP A 187 6.47 13.01 -8.81
C ASP A 187 6.93 14.45 -8.96
N TYR A 188 6.29 15.20 -9.86
CA TYR A 188 6.70 16.59 -10.08
C TYR A 188 6.28 17.48 -8.91
N LEU A 189 5.08 17.24 -8.35
CA LEU A 189 4.65 17.94 -7.14
C LEU A 189 5.66 17.72 -6.03
N MET A 190 6.04 16.47 -5.78
CA MET A 190 7.11 16.23 -4.80
C MET A 190 8.42 16.99 -5.06
N LYS A 191 8.83 17.06 -6.32
CA LYS A 191 10.06 17.75 -6.69
C LYS A 191 9.95 19.24 -6.36
N ILE A 192 8.85 19.86 -6.77
CA ILE A 192 8.77 21.31 -6.60
C ILE A 192 8.48 21.70 -5.15
N LEU A 193 7.77 20.86 -4.37
CA LEU A 193 7.62 21.15 -2.95
C LEU A 193 8.97 21.03 -2.26
N THR A 194 9.78 20.07 -2.71
CA THR A 194 11.14 19.90 -2.20
C THR A 194 11.96 21.16 -2.47
N GLU A 195 11.86 21.71 -3.69
CA GLU A 195 12.58 22.94 -4.07
C GLU A 195 12.17 24.13 -3.20
N ARG A 196 10.89 24.14 -2.77
CA ARG A 196 10.40 25.19 -1.91
C ARG A 196 11.08 25.19 -0.53
N GLY A 197 11.42 24.01 -0.06
CA GLY A 197 12.14 23.83 1.20
C GLY A 197 11.50 22.70 2.01
N TYR A 198 10.41 22.10 1.55
CA TYR A 198 9.85 20.93 2.27
C TYR A 198 10.63 19.65 2.02
N SER A 199 10.30 18.64 2.80
CA SER A 199 11.07 17.38 2.81
C SER A 199 10.17 16.14 2.94
N PHE A 200 10.30 15.25 1.97
CA PHE A 200 9.55 14.00 1.87
C PHE A 200 10.53 12.85 1.74
N VAL A 201 10.95 12.34 2.89
CA VAL A 201 12.03 11.33 3.01
C VAL A 201 11.47 9.93 3.32
N THR A 202 10.72 9.79 4.42
CA THR A 202 10.14 8.51 4.78
C THR A 202 9.02 8.13 3.80
N THR A 203 8.61 6.85 3.81
CA THR A 203 7.56 6.36 2.93
C THR A 203 6.28 7.07 3.30
N ALA A 204 6.02 7.18 4.59
CA ALA A 204 4.79 7.83 5.02
C ALA A 204 4.69 9.29 4.49
N GLU A 205 5.76 10.08 4.68
CA GLU A 205 5.87 11.46 4.12
C GLU A 205 5.68 11.55 2.61
N ARG A 206 6.36 10.66 1.86
CA ARG A 206 6.26 10.68 0.40
C ARG A 206 4.86 10.34 -0.08
N GLU A 207 4.16 9.47 0.65
CA GLU A 207 2.79 9.00 0.35
CA GLU A 207 2.83 9.04 0.22
C GLU A 207 1.77 10.15 0.39
N ILE A 208 1.98 11.06 1.32
CA ILE A 208 1.15 12.28 1.47
C ILE A 208 1.03 13.16 0.19
N VAL A 209 2.07 13.16 -0.67
CA VAL A 209 2.14 14.14 -1.76
C VAL A 209 1.01 13.86 -2.73
N ARG A 210 0.70 12.59 -2.94
CA ARG A 210 -0.39 12.26 -3.85
C ARG A 210 -1.69 12.86 -3.33
N ASP A 211 -1.90 12.88 -2.01
CA ASP A 211 -3.10 13.43 -1.41
C ASP A 211 -3.14 14.97 -1.52
N ILE A 212 -1.97 15.63 -1.34
CA ILE A 212 -1.87 17.08 -1.54
C ILE A 212 -2.25 17.43 -3.00
N LYS A 213 -1.71 16.66 -3.95
CA LYS A 213 -2.09 16.82 -5.37
C LYS A 213 -3.61 16.80 -5.58
N GLU A 214 -4.26 15.77 -5.06
CA GLU A 214 -5.65 15.55 -5.30
C GLU A 214 -6.56 16.52 -4.56
N LYS A 215 -6.06 17.18 -3.51
CA LYS A 215 -6.90 18.02 -2.66
C LYS A 215 -6.72 19.51 -2.93
N LEU A 216 -5.50 19.91 -3.27
CA LEU A 216 -5.17 21.32 -3.41
C LEU A 216 -4.82 21.80 -4.83
N CYS A 217 -4.52 20.93 -5.80
CA CYS A 217 -4.02 21.41 -7.09
C CYS A 217 -5.20 21.84 -7.98
N TYR A 218 -4.91 22.66 -9.00
CA TYR A 218 -5.98 23.10 -9.92
C TYR A 218 -5.30 23.66 -11.14
N VAL A 219 -6.08 23.84 -12.21
CA VAL A 219 -5.47 24.32 -13.46
C VAL A 219 -5.83 25.78 -13.58
N ALA A 220 -4.81 26.61 -13.75
CA ALA A 220 -4.99 28.03 -13.93
C ALA A 220 -5.55 28.28 -15.35
N LEU A 221 -6.50 29.20 -15.49
CA LEU A 221 -7.00 29.58 -16.81
C LEU A 221 -5.93 30.36 -17.58
N ASP A 222 -5.16 31.19 -16.87
CA ASP A 222 -4.07 31.98 -17.51
C ASP A 222 -2.84 31.74 -16.65
N PHE A 223 -1.97 30.84 -17.09
CA PHE A 223 -0.86 30.42 -16.23
C PHE A 223 0.02 31.62 -15.84
N GLU A 224 0.47 32.41 -16.81
CA GLU A 224 1.42 33.48 -16.51
C GLU A 224 0.81 34.48 -15.55
N ASN A 225 -0.46 34.83 -15.75
CA ASN A 225 -1.15 35.74 -14.86
C ASN A 225 -1.31 35.16 -13.46
N GLU A 226 -1.63 33.86 -13.37
CA GLU A 226 -1.78 33.20 -12.08
C GLU A 226 -0.43 33.21 -11.31
N MET A 227 0.68 33.03 -12.03
CA MET A 227 2.01 33.15 -11.41
C MET A 227 2.23 34.55 -10.81
N ALA A 228 1.74 35.62 -11.47
CA ALA A 228 2.06 36.95 -11.00
C ALA A 228 1.15 37.20 -9.82
N THR A 229 -0.09 36.73 -9.91
CA THR A 229 -1.05 36.83 -8.79
C THR A 229 -0.45 36.14 -7.57
N ALA A 230 0.05 34.93 -7.73
CA ALA A 230 0.68 34.22 -6.61
C ALA A 230 1.87 34.95 -5.96
N ALA A 231 2.59 35.76 -6.74
CA ALA A 231 3.78 36.46 -6.28
C ALA A 231 3.39 37.79 -5.62
N SER A 232 2.17 38.23 -5.98
CA SER A 232 1.63 39.53 -5.63
C SER A 232 0.90 39.52 -4.31
N SER A 233 0.38 38.38 -3.92
CA SER A 233 -0.56 38.33 -2.81
C SER A 233 -0.54 36.90 -2.32
N SER A 234 -1.14 36.68 -1.14
CA SER A 234 -1.22 35.32 -0.58
CA SER A 234 -1.26 35.39 -0.47
C SER A 234 -2.59 34.73 -0.84
N SER A 235 -3.35 35.37 -1.73
CA SER A 235 -4.74 34.94 -2.01
CA SER A 235 -4.74 34.93 -2.00
C SER A 235 -4.85 33.51 -2.53
N LEU A 236 -3.82 32.98 -3.19
CA LEU A 236 -3.94 31.59 -3.72
C LEU A 236 -3.31 30.51 -2.80
N GLU A 237 -2.79 30.91 -1.66
CA GLU A 237 -2.20 29.97 -0.74
C GLU A 237 -3.28 29.10 -0.13
N LYS A 238 -2.97 27.84 0.14
CA LYS A 238 -3.91 26.96 0.80
CA LYS A 238 -3.90 26.97 0.84
C LYS A 238 -3.09 26.13 1.77
N SER A 239 -3.68 25.73 2.90
CA SER A 239 -2.94 24.96 3.89
C SER A 239 -3.34 23.50 3.84
N TYR A 240 -2.37 22.65 4.14
CA TYR A 240 -2.60 21.23 4.24
C TYR A 240 -1.99 20.75 5.56
N GLU A 241 -2.86 20.11 6.34
CA GLU A 241 -2.55 19.58 7.65
C GLU A 241 -2.06 18.13 7.51
N LEU A 242 -0.84 17.92 7.97
CA LEU A 242 -0.18 16.63 7.88
C LEU A 242 -0.77 15.66 8.91
N PRO A 243 -0.59 14.33 8.73
CA PRO A 243 -1.32 13.42 9.61
C PRO A 243 -0.97 13.68 11.06
N ASP A 244 0.29 14.06 11.27
CA ASP A 244 0.83 14.37 12.60
CA ASP A 244 0.78 14.31 12.62
C ASP A 244 -0.01 15.46 13.26
N GLY A 245 0.05 16.65 12.65
CA GLY A 245 -0.71 17.82 13.10
C GLY A 245 -0.21 19.11 12.49
N GLN A 246 1.07 19.12 12.10
CA GLN A 246 1.68 20.26 11.42
C GLN A 246 0.87 20.63 10.17
N VAL A 247 0.57 21.94 10.08
CA VAL A 247 -0.06 22.52 8.92
C VAL A 247 1.01 23.16 8.03
N ILE A 248 0.97 22.88 6.73
CA ILE A 248 1.87 23.53 5.76
C ILE A 248 1.11 24.25 4.64
N THR A 249 1.68 25.31 4.08
CA THR A 249 0.94 26.19 3.20
C THR A 249 1.55 26.22 1.82
N ILE A 250 0.75 26.03 0.79
CA ILE A 250 1.33 26.11 -0.53
C ILE A 250 0.65 27.07 -1.50
N GLY A 251 1.48 27.76 -2.29
CA GLY A 251 0.96 28.71 -3.24
C GLY A 251 1.04 28.16 -4.66
N ASN A 252 1.98 28.68 -5.45
CA ASN A 252 2.00 28.42 -6.88
C ASN A 252 2.19 26.96 -7.31
N GLU A 253 2.69 26.08 -6.43
CA GLU A 253 2.78 24.67 -6.73
C GLU A 253 1.41 24.05 -7.02
N ARG A 254 0.36 24.65 -6.47
CA ARG A 254 -1.03 24.18 -6.66
C ARG A 254 -1.41 24.11 -8.13
N PHE A 255 -0.98 25.09 -8.90
CA PHE A 255 -1.31 25.09 -10.31
C PHE A 255 -0.11 24.81 -11.27
N ARG A 256 1.13 24.88 -10.77
CA ARG A 256 2.29 24.50 -11.57
C ARG A 256 2.27 23.00 -11.84
N CYS A 257 1.82 22.25 -10.84
CA CYS A 257 1.82 20.79 -10.94
C CYS A 257 1.02 20.33 -12.18
N PRO A 258 -0.34 20.55 -12.23
CA PRO A 258 -1.05 20.12 -13.46
C PRO A 258 -0.80 20.99 -14.72
N GLU A 259 -0.19 22.16 -14.59
CA GLU A 259 0.12 22.92 -15.82
C GLU A 259 1.01 22.10 -16.78
N THR A 260 1.79 21.19 -16.19
CA THR A 260 2.59 20.17 -16.91
C THR A 260 1.81 19.43 -18.04
N LEU A 261 0.53 19.18 -17.81
CA LEU A 261 -0.31 18.57 -18.87
C LEU A 261 -0.38 19.42 -20.14
N PHE A 262 -0.39 20.73 -19.96
CA PHE A 262 -0.42 21.66 -21.07
C PHE A 262 0.99 22.06 -21.52
N GLN A 263 1.97 21.99 -20.60
CA GLN A 263 3.41 22.24 -20.90
C GLN A 263 4.29 21.09 -20.44
N PRO A 264 4.34 19.98 -21.20
CA PRO A 264 5.17 18.85 -20.77
C PRO A 264 6.64 19.22 -20.57
N SER A 265 7.13 20.36 -21.07
CA SER A 265 8.54 20.74 -20.78
C SER A 265 8.85 20.92 -19.30
N PHE A 266 7.81 21.12 -18.48
CA PHE A 266 8.03 21.26 -17.04
C PHE A 266 8.72 20.02 -16.43
N ILE A 267 8.57 18.85 -17.05
CA ILE A 267 9.23 17.64 -16.55
C ILE A 267 10.21 17.20 -17.62
N GLY A 268 10.70 18.14 -18.43
CA GLY A 268 11.70 17.78 -19.44
C GLY A 268 11.27 17.01 -20.67
N MET A 269 9.98 17.01 -21.00
CA MET A 269 9.50 16.29 -22.18
C MET A 269 9.27 17.24 -23.34
N GLU A 270 9.60 16.78 -24.54
CA GLU A 270 9.52 17.63 -25.69
C GLU A 270 8.19 17.44 -26.44
N SER A 271 7.16 16.99 -25.76
CA SER A 271 5.99 16.67 -26.54
C SER A 271 4.93 17.78 -26.50
N ALA A 272 3.92 17.66 -27.36
CA ALA A 272 2.78 18.59 -27.37
C ALA A 272 1.96 18.38 -26.08
N GLY A 273 1.32 19.44 -25.56
CA GLY A 273 0.51 19.32 -24.36
C GLY A 273 -0.89 18.86 -24.77
N ILE A 274 -1.75 18.56 -23.80
CA ILE A 274 -3.01 17.89 -24.05
C ILE A 274 -3.96 18.70 -24.92
N HIS A 275 -3.78 20.03 -24.96
CA HIS A 275 -4.70 20.81 -25.82
C HIS A 275 -4.21 20.63 -27.25
N GLU A 276 -2.89 20.59 -27.48
CA GLU A 276 -2.33 20.38 -28.80
CA GLU A 276 -2.44 20.40 -28.84
C GLU A 276 -2.64 18.98 -29.32
N THR A 277 -2.49 17.95 -28.47
CA THR A 277 -2.82 16.61 -28.90
C THR A 277 -4.34 16.49 -29.20
N THR A 278 -5.20 17.20 -28.46
CA THR A 278 -6.66 17.14 -28.74
C THR A 278 -6.92 17.71 -30.12
N TYR A 279 -6.41 18.90 -30.39
CA TYR A 279 -6.49 19.48 -31.73
C TYR A 279 -5.93 18.58 -32.83
N ASN A 280 -4.72 18.08 -32.66
CA ASN A 280 -4.11 17.30 -33.74
C ASN A 280 -4.90 16.02 -34.01
N SER A 281 -5.48 15.45 -32.98
CA SER A 281 -6.33 14.26 -33.11
C SER A 281 -7.60 14.59 -33.94
N ILE A 282 -8.23 15.71 -33.62
CA ILE A 282 -9.41 16.16 -34.36
C ILE A 282 -9.00 16.42 -35.83
N MET A 283 -7.83 17.00 -36.02
CA MET A 283 -7.34 17.30 -37.37
C MET A 283 -6.94 16.10 -38.24
N LYS A 284 -6.79 14.91 -37.65
CA LYS A 284 -6.62 13.70 -38.41
C LYS A 284 -7.93 13.12 -38.94
N CYS A 285 -9.06 13.69 -38.51
CA CYS A 285 -10.39 13.21 -38.82
C CYS A 285 -11.02 13.97 -40.03
N ASP A 286 -11.88 13.31 -40.79
CA ASP A 286 -12.56 13.97 -41.91
C ASP A 286 -13.13 15.30 -41.48
N ILE A 287 -12.86 16.33 -42.25
CA ILE A 287 -13.32 17.69 -41.98
C ILE A 287 -14.82 17.70 -41.64
N ASP A 288 -15.56 16.80 -42.23
CA ASP A 288 -17.04 16.78 -42.13
CA ASP A 288 -17.03 16.81 -42.10
C ASP A 288 -17.52 16.37 -40.72
N ILE A 289 -16.67 15.69 -39.95
CA ILE A 289 -17.10 15.31 -38.60
C ILE A 289 -16.49 16.19 -37.48
N ARG A 290 -15.63 17.12 -37.85
CA ARG A 290 -14.85 17.84 -36.83
C ARG A 290 -15.76 18.63 -35.91
N LYS A 291 -16.82 19.20 -36.45
CA LYS A 291 -17.76 20.03 -35.72
C LYS A 291 -18.35 19.19 -34.60
N ASP A 292 -18.66 17.93 -34.89
CA ASP A 292 -19.22 17.01 -33.88
C ASP A 292 -18.21 16.65 -32.79
N LEU A 293 -16.94 16.55 -33.16
CA LEU A 293 -15.89 16.28 -32.18
C LEU A 293 -15.69 17.52 -31.30
N TYR A 294 -15.53 18.71 -31.89
CA TYR A 294 -15.31 19.93 -31.12
C TYR A 294 -16.41 20.17 -30.11
N ALA A 295 -17.66 19.89 -30.50
CA ALA A 295 -18.80 20.12 -29.63
C ALA A 295 -19.02 19.00 -28.59
N ASN A 296 -18.15 17.99 -28.59
CA ASN A 296 -18.35 16.87 -27.66
C ASN A 296 -17.00 16.32 -27.23
N ASN A 297 -16.21 17.13 -26.53
CA ASN A 297 -14.89 16.77 -26.00
CA ASN A 297 -14.90 16.72 -26.03
C ASN A 297 -15.13 16.27 -24.60
N VAL A 298 -15.18 14.93 -24.40
CA VAL A 298 -15.41 14.30 -23.10
C VAL A 298 -14.11 14.01 -22.32
N MET A 299 -14.03 14.54 -21.09
CA MET A 299 -12.82 14.28 -20.29
C MET A 299 -13.10 13.10 -19.35
N SER A 300 -12.16 12.15 -19.23
CA SER A 300 -12.35 10.98 -18.37
CA SER A 300 -12.35 10.98 -18.37
C SER A 300 -11.03 10.60 -17.66
N GLY A 301 -11.11 10.00 -16.49
CA GLY A 301 -9.88 9.49 -15.85
C GLY A 301 -9.54 10.40 -14.67
N GLY A 302 -8.82 9.84 -13.71
CA GLY A 302 -8.41 10.57 -12.47
C GLY A 302 -7.68 11.89 -12.72
N THR A 303 -6.81 11.92 -13.73
CA THR A 303 -5.98 13.04 -13.96
C THR A 303 -6.73 14.18 -14.67
N THR A 304 -7.97 13.94 -15.09
CA THR A 304 -8.82 15.05 -15.51
C THR A 304 -9.65 15.65 -14.36
N MET A 305 -9.36 15.34 -13.10
CA MET A 305 -10.24 15.81 -12.04
C MET A 305 -9.88 17.23 -11.55
N TYR A 306 -8.78 17.82 -12.01
CA TYR A 306 -8.38 19.15 -11.46
C TYR A 306 -9.47 20.14 -11.63
N PRO A 307 -9.81 20.90 -10.58
CA PRO A 307 -10.63 22.11 -10.82
C PRO A 307 -10.03 23.00 -11.91
N GLY A 308 -10.84 23.59 -12.79
CA GLY A 308 -10.31 24.45 -13.88
C GLY A 308 -9.90 23.80 -15.21
N ILE A 309 -9.73 22.48 -15.23
CA ILE A 309 -9.17 21.87 -16.41
C ILE A 309 -10.12 22.05 -17.63
N ALA A 310 -11.42 21.89 -17.42
CA ALA A 310 -12.36 22.03 -18.55
C ALA A 310 -12.36 23.45 -19.14
N ASP A 311 -12.38 24.50 -18.28
CA ASP A 311 -12.36 25.86 -18.73
C ASP A 311 -11.07 26.15 -19.49
N ARG A 312 -9.94 25.67 -18.99
CA ARG A 312 -8.68 25.93 -19.68
C ARG A 312 -8.65 25.15 -21.01
N MET A 313 -9.12 23.88 -21.01
CA MET A 313 -9.23 23.22 -22.30
C MET A 313 -10.17 23.98 -23.26
N GLN A 314 -11.29 24.51 -22.79
CA GLN A 314 -12.20 25.21 -23.70
C GLN A 314 -11.46 26.40 -24.35
N LYS A 315 -10.72 27.13 -23.51
CA LYS A 315 -9.95 28.26 -23.94
C LYS A 315 -8.87 27.92 -24.98
N GLU A 316 -8.09 26.88 -24.76
CA GLU A 316 -6.94 26.56 -25.64
C GLU A 316 -7.45 25.99 -26.97
N ILE A 317 -8.50 25.19 -26.92
CA ILE A 317 -9.06 24.65 -28.15
CA ILE A 317 -9.06 24.65 -28.15
C ILE A 317 -9.71 25.80 -28.95
N THR A 318 -10.34 26.74 -28.25
CA THR A 318 -10.98 27.85 -28.97
C THR A 318 -9.91 28.60 -29.77
N ALA A 319 -8.74 28.81 -29.18
CA ALA A 319 -7.64 29.53 -29.83
C ALA A 319 -7.03 28.80 -31.05
N LEU A 320 -7.19 27.48 -31.09
CA LEU A 320 -6.65 26.64 -32.16
C LEU A 320 -7.67 26.35 -33.26
N ALA A 321 -8.97 26.32 -32.95
CA ALA A 321 -10.05 25.94 -33.89
C ALA A 321 -10.47 27.09 -34.80
N PRO A 322 -11.23 26.82 -35.88
CA PRO A 322 -11.77 27.92 -36.72
C PRO A 322 -12.57 28.87 -35.86
N SER A 323 -12.60 30.17 -36.20
CA SER A 323 -13.19 31.15 -35.30
C SER A 323 -14.69 30.99 -35.09
N THR A 324 -15.33 30.19 -35.92
CA THR A 324 -16.77 30.02 -35.77
C THR A 324 -17.18 28.69 -35.13
N MET A 325 -16.20 27.91 -34.70
CA MET A 325 -16.48 26.56 -34.23
C MET A 325 -17.14 26.62 -32.84
N LYS A 326 -18.25 25.95 -32.64
CA LYS A 326 -18.80 25.86 -31.31
C LYS A 326 -18.02 24.78 -30.57
N ILE A 327 -17.47 25.14 -29.42
CA ILE A 327 -16.59 24.23 -28.67
C ILE A 327 -17.16 23.87 -27.31
N LYS A 328 -17.30 22.59 -27.01
CA LYS A 328 -17.86 22.22 -25.70
C LYS A 328 -17.08 21.08 -25.06
N ILE A 329 -16.61 21.32 -23.82
CA ILE A 329 -15.91 20.34 -22.96
C ILE A 329 -16.93 19.74 -21.96
N ILE A 330 -17.07 18.41 -21.94
CA ILE A 330 -17.97 17.74 -21.02
C ILE A 330 -17.08 17.08 -19.97
N ALA A 331 -17.17 17.50 -18.70
CA ALA A 331 -16.39 16.86 -17.62
C ALA A 331 -17.31 16.42 -16.46
N PRO A 332 -17.87 15.20 -16.54
CA PRO A 332 -18.84 14.79 -15.53
C PRO A 332 -18.23 14.73 -14.13
N PRO A 333 -19.03 14.99 -13.08
CA PRO A 333 -18.50 14.94 -11.71
C PRO A 333 -17.89 13.58 -11.37
N GLU A 334 -18.42 12.52 -11.96
CA GLU A 334 -17.95 11.15 -11.66
C GLU A 334 -16.79 10.64 -12.54
N ARG A 335 -16.15 11.53 -13.32
CA ARG A 335 -15.31 11.09 -14.42
C ARG A 335 -14.12 10.24 -14.02
N LYS A 336 -13.76 10.23 -12.75
CA LYS A 336 -12.67 9.32 -12.36
C LYS A 336 -13.10 7.87 -12.52
N TYR A 337 -14.42 7.63 -12.62
CA TYR A 337 -14.93 6.26 -12.81
C TYR A 337 -15.75 6.07 -14.09
N SER A 338 -15.62 6.97 -15.06
CA SER A 338 -16.44 6.99 -16.29
C SER A 338 -16.30 5.74 -17.15
N VAL A 339 -15.07 5.23 -17.26
CA VAL A 339 -14.85 4.04 -18.06
C VAL A 339 -15.63 2.91 -17.38
N TRP A 340 -15.44 2.75 -16.08
CA TRP A 340 -16.15 1.69 -15.34
C TRP A 340 -17.66 1.86 -15.49
N ILE A 341 -18.14 3.08 -15.34
CA ILE A 341 -19.57 3.38 -15.44
C ILE A 341 -20.14 3.07 -16.83
N GLY A 342 -19.36 3.33 -17.87
CA GLY A 342 -19.81 3.03 -19.22
C GLY A 342 -19.90 1.54 -19.40
N GLY A 343 -18.98 0.81 -18.74
CA GLY A 343 -18.98 -0.65 -18.75
C GLY A 343 -20.19 -1.25 -18.05
N SER A 344 -20.52 -0.64 -16.91
CA SER A 344 -21.70 -1.01 -16.12
C SER A 344 -22.99 -0.83 -16.92
N ILE A 345 -23.08 0.28 -17.65
CA ILE A 345 -24.19 0.56 -18.56
C ILE A 345 -24.22 -0.46 -19.71
N LEU A 346 -23.13 -0.62 -20.45
CA LEU A 346 -23.11 -1.40 -21.67
C LEU A 346 -23.52 -2.84 -21.33
N ALA A 347 -22.90 -3.40 -20.29
CA ALA A 347 -23.14 -4.77 -19.86
C ALA A 347 -24.56 -4.99 -19.34
N SER A 348 -25.32 -3.92 -19.14
CA SER A 348 -26.69 -4.06 -18.69
CA SER A 348 -26.70 -3.99 -18.67
C SER A 348 -27.72 -3.80 -19.80
N LEU A 349 -27.29 -3.28 -20.96
CA LEU A 349 -28.24 -3.05 -22.07
C LEU A 349 -28.70 -4.35 -22.76
N SER A 350 -29.96 -4.40 -23.17
CA SER A 350 -30.49 -5.62 -23.81
C SER A 350 -29.89 -5.87 -25.19
N THR A 351 -29.65 -4.79 -25.93
CA THR A 351 -29.02 -4.90 -27.25
C THR A 351 -27.56 -5.39 -27.20
N PHE A 352 -26.92 -5.36 -26.03
CA PHE A 352 -25.55 -5.86 -25.84
C PHE A 352 -25.47 -7.38 -25.67
N GLN A 353 -26.55 -7.99 -25.18
CA GLN A 353 -26.47 -9.38 -24.73
C GLN A 353 -26.08 -10.40 -25.80
N GLN A 354 -26.34 -10.11 -27.07
CA GLN A 354 -25.88 -11.01 -28.14
C GLN A 354 -24.38 -10.84 -28.40
N MET A 355 -23.80 -9.77 -27.85
CA MET A 355 -22.40 -9.44 -28.14
C MET A 355 -21.36 -10.16 -27.25
N TRP A 356 -21.77 -10.72 -26.11
CA TRP A 356 -20.90 -11.55 -25.26
C TRP A 356 -20.28 -12.69 -26.07
N ILE A 357 -19.02 -13.01 -25.83
CA ILE A 357 -18.41 -14.20 -26.39
C ILE A 357 -18.60 -15.28 -25.35
N THR A 358 -19.24 -16.39 -25.70
CA THR A 358 -19.48 -17.47 -24.72
C THR A 358 -18.36 -18.49 -24.68
N LYS A 359 -18.30 -19.28 -23.61
CA LYS A 359 -17.35 -20.39 -23.50
C LYS A 359 -17.49 -21.32 -24.69
N GLN A 360 -18.74 -21.67 -25.01
CA GLN A 360 -19.02 -22.55 -26.14
C GLN A 360 -18.35 -22.03 -27.41
N GLU A 361 -18.54 -20.74 -27.71
CA GLU A 361 -17.97 -20.09 -28.88
C GLU A 361 -16.45 -20.13 -28.90
N TYR A 362 -15.83 -19.78 -27.77
CA TYR A 362 -14.37 -19.81 -27.65
C TYR A 362 -13.81 -21.23 -27.93
N ASP A 363 -14.46 -22.24 -27.38
CA ASP A 363 -14.07 -23.64 -27.64
C ASP A 363 -14.16 -24.03 -29.12
N GLU A 364 -15.16 -23.51 -29.84
CA GLU A 364 -15.37 -23.81 -31.27
C GLU A 364 -14.62 -22.90 -32.25
N ALA A 365 -14.01 -21.84 -31.74
CA ALA A 365 -13.14 -20.96 -32.52
C ALA A 365 -11.84 -21.67 -32.95
N LEU B 1 22.01 -22.19 21.54
CA LEU B 1 20.90 -21.34 21.09
C LEU B 1 20.91 -20.05 21.92
N LYS B 2 21.29 -18.93 21.30
CA LYS B 2 21.38 -17.63 22.00
C LYS B 2 20.13 -16.85 21.69
N ILE B 3 19.38 -16.43 22.70
CA ILE B 3 18.13 -15.72 22.50
C ILE B 3 18.22 -14.31 23.14
N ALA B 4 17.64 -13.29 22.50
CA ALA B 4 17.61 -11.95 23.10
C ALA B 4 16.31 -11.18 22.86
N ALA B 5 16.12 -10.14 23.68
CA ALA B 5 15.07 -9.17 23.51
C ALA B 5 15.71 -7.78 23.55
N PHE B 6 15.38 -6.94 22.59
CA PHE B 6 16.12 -5.69 22.45
C PHE B 6 15.12 -4.61 22.07
N ASN B 7 14.95 -3.58 22.92
CA ASN B 7 14.12 -2.43 22.61
C ASN B 7 15.04 -1.46 21.90
N ILE B 8 14.77 -1.17 20.62
CA ILE B 8 15.62 -0.30 19.88
C ILE B 8 14.87 0.99 19.69
N ARG B 9 15.35 2.06 20.32
CA ARG B 9 14.53 3.25 20.37
C ARG B 9 14.06 3.67 18.98
N THR B 10 12.76 3.85 18.84
CA THR B 10 12.12 4.25 17.58
C THR B 10 12.84 3.65 16.36
N PHE B 11 13.03 2.34 16.37
CA PHE B 11 13.58 1.66 15.19
C PHE B 11 12.71 2.00 13.94
N GLY B 12 13.34 2.57 12.91
CA GLY B 12 12.64 3.00 11.72
C GLY B 12 13.52 3.36 10.56
N GLU B 13 12.90 3.95 9.54
CA GLU B 13 13.58 4.26 8.29
C GLU B 13 14.81 5.10 8.49
N THR B 14 14.71 6.14 9.33
CA THR B 14 15.78 7.09 9.57
C THR B 14 16.95 6.40 10.25
N LYS B 15 16.64 5.57 11.25
CA LYS B 15 17.74 4.88 11.93
C LYS B 15 18.46 3.92 10.97
N MET B 16 17.68 3.13 10.22
CA MET B 16 18.24 2.14 9.28
C MET B 16 18.92 2.74 8.05
N SER B 17 18.60 3.99 7.72
CA SER B 17 19.25 4.71 6.64
C SER B 17 20.61 5.27 7.03
N ASN B 18 20.90 5.25 8.33
CA ASN B 18 22.16 5.72 8.86
C ASN B 18 23.11 4.54 8.86
N ALA B 19 24.15 4.60 8.00
CA ALA B 19 25.02 3.44 7.72
C ALA B 19 25.79 2.97 8.98
N THR B 20 26.17 3.93 9.82
CA THR B 20 26.83 3.64 11.09
C THR B 20 25.88 2.95 12.07
N LEU B 21 24.69 3.53 12.26
CA LEU B 21 23.73 2.91 13.19
C LEU B 21 23.29 1.54 12.70
N ALA B 22 22.98 1.40 11.40
CA ALA B 22 22.64 0.10 10.81
C ALA B 22 23.74 -0.92 11.11
N SER B 23 24.99 -0.51 10.90
CA SER B 23 26.14 -1.40 11.10
CA SER B 23 26.10 -1.45 11.09
C SER B 23 26.18 -1.98 12.53
N TYR B 24 25.98 -1.11 13.53
CA TYR B 24 25.98 -1.63 14.90
C TYR B 24 24.76 -2.51 15.22
N ILE B 25 23.59 -2.10 14.70
CA ILE B 25 22.37 -2.89 14.88
C ILE B 25 22.51 -4.28 14.22
N VAL B 26 23.18 -4.36 13.06
CA VAL B 26 23.36 -5.63 12.40
C VAL B 26 24.33 -6.48 13.26
N ARG B 27 25.35 -5.83 13.81
CA ARG B 27 26.35 -6.61 14.56
C ARG B 27 25.69 -7.21 15.77
N ILE B 28 24.87 -6.40 16.46
CA ILE B 28 24.14 -6.87 17.64
C ILE B 28 23.27 -8.08 17.30
N VAL B 29 22.47 -7.94 16.25
CA VAL B 29 21.48 -8.94 15.87
C VAL B 29 22.19 -10.25 15.52
N ARG B 30 23.30 -10.19 14.80
CA ARG B 30 23.93 -11.44 14.35
CA ARG B 30 24.01 -11.40 14.37
C ARG B 30 24.50 -12.31 15.50
N ARG B 31 24.57 -11.78 16.73
CA ARG B 31 25.01 -12.55 17.90
C ARG B 31 24.01 -13.68 18.21
N TYR B 32 22.76 -13.54 17.73
CA TYR B 32 21.59 -14.28 18.23
C TYR B 32 20.91 -15.21 17.21
N ASP B 33 20.43 -16.35 17.67
CA ASP B 33 19.65 -17.30 16.88
C ASP B 33 18.19 -16.88 16.83
N ILE B 34 17.71 -16.25 17.90
CA ILE B 34 16.37 -15.64 17.90
C ILE B 34 16.55 -14.30 18.64
N VAL B 35 16.13 -13.18 18.04
CA VAL B 35 16.11 -11.93 18.77
C VAL B 35 14.77 -11.27 18.50
N LEU B 36 14.23 -10.71 19.58
CA LEU B 36 12.98 -10.00 19.52
C LEU B 36 13.35 -8.54 19.47
N ILE B 37 12.79 -7.76 18.52
CA ILE B 37 13.05 -6.32 18.48
C ILE B 37 11.73 -5.59 18.73
N GLN B 38 11.75 -4.64 19.66
CA GLN B 38 10.58 -3.84 20.01
C GLN B 38 10.83 -2.41 19.63
N GLU B 39 9.77 -1.60 19.73
CA GLU B 39 9.70 -0.22 19.32
C GLU B 39 9.92 -0.05 17.82
N VAL B 40 9.51 -1.04 17.02
CA VAL B 40 9.50 -0.91 15.56
C VAL B 40 8.43 0.12 15.13
N ARG B 41 8.88 1.20 14.54
CA ARG B 41 8.03 2.31 14.14
C ARG B 41 8.30 2.45 12.65
N ASP B 42 7.65 1.58 11.87
CA ASP B 42 7.96 1.34 10.47
C ASP B 42 6.63 1.17 9.69
N SER B 43 6.07 2.27 9.20
CA SER B 43 4.73 2.25 8.67
C SER B 43 4.56 1.28 7.50
N HIS B 44 5.59 1.08 6.68
CA HIS B 44 5.47 0.26 5.46
C HIS B 44 6.46 -0.89 5.41
N LEU B 45 7.05 -1.16 6.57
CA LEU B 45 7.97 -2.25 6.77
C LEU B 45 9.30 -2.04 6.02
N VAL B 46 9.62 -0.78 5.70
CA VAL B 46 10.84 -0.46 4.98
C VAL B 46 12.09 -0.70 5.82
N ALA B 47 12.07 -0.33 7.11
CA ALA B 47 13.25 -0.49 7.97
C ALA B 47 13.48 -1.97 8.23
N VAL B 48 12.40 -2.72 8.39
CA VAL B 48 12.53 -4.19 8.65
C VAL B 48 13.12 -4.87 7.39
N GLY B 49 12.70 -4.42 6.21
CA GLY B 49 13.15 -5.01 4.93
C GLY B 49 14.63 -4.71 4.72
N LYS B 50 15.02 -3.50 5.14
CA LYS B 50 16.40 -3.02 5.09
C LYS B 50 17.35 -3.80 6.02
N LEU B 51 16.97 -3.94 7.28
CA LEU B 51 17.70 -4.83 8.18
C LEU B 51 17.83 -6.23 7.59
N LEU B 52 16.72 -6.85 7.17
CA LEU B 52 16.81 -8.18 6.56
C LEU B 52 17.73 -8.19 5.31
N ASP B 53 17.78 -7.08 4.55
CA ASP B 53 18.64 -7.05 3.33
C ASP B 53 20.13 -7.17 3.76
N TYR B 54 20.54 -6.38 4.75
CA TYR B 54 21.86 -6.48 5.37
C TYR B 54 22.12 -7.90 5.88
N LEU B 55 21.21 -8.45 6.69
CA LEU B 55 21.41 -9.75 7.34
C LEU B 55 21.53 -10.89 6.31
N ASN B 56 20.88 -10.73 5.17
CA ASN B 56 20.73 -11.82 4.24
C ASN B 56 21.46 -11.59 2.94
N GLN B 57 22.42 -10.67 2.95
CA GLN B 57 23.08 -10.22 1.71
C GLN B 57 24.03 -11.28 1.16
N ASP B 58 24.48 -12.23 1.99
CA ASP B 58 25.37 -13.27 1.50
C ASP B 58 24.71 -14.64 1.47
N ASP B 59 23.72 -14.85 2.33
CA ASP B 59 22.95 -16.10 2.32
C ASP B 59 21.50 -15.67 2.56
N PRO B 60 20.61 -15.88 1.56
CA PRO B 60 19.24 -15.35 1.58
C PRO B 60 18.36 -15.82 2.74
N ASN B 61 18.79 -16.92 3.35
CA ASN B 61 18.13 -17.53 4.49
C ASN B 61 18.95 -17.48 5.79
N THR B 62 19.88 -16.53 5.94
CA THR B 62 20.57 -16.33 7.23
C THR B 62 19.56 -16.13 8.36
N TYR B 63 18.54 -15.30 8.10
CA TYR B 63 17.48 -14.98 9.05
C TYR B 63 16.12 -14.92 8.36
N HIS B 64 15.09 -15.43 9.06
CA HIS B 64 13.68 -15.41 8.69
C HIS B 64 13.00 -14.50 9.69
N TYR B 65 11.78 -14.05 9.44
CA TYR B 65 11.17 -13.10 10.39
C TYR B 65 9.77 -13.48 10.79
N VAL B 66 9.33 -12.92 11.92
CA VAL B 66 7.93 -12.92 12.33
C VAL B 66 7.67 -11.46 12.73
N VAL B 67 6.68 -10.81 12.12
CA VAL B 67 6.48 -9.38 12.45
C VAL B 67 4.98 -9.10 12.66
N SER B 68 4.61 -8.21 13.59
CA SER B 68 3.21 -7.87 13.76
C SER B 68 2.73 -6.69 12.90
N GLU B 69 1.41 -6.51 12.91
CA GLU B 69 0.77 -5.26 12.49
C GLU B 69 1.19 -4.20 13.51
N PRO B 70 0.96 -2.91 13.19
CA PRO B 70 1.28 -1.87 14.18
C PRO B 70 0.29 -1.96 15.36
N LEU B 71 0.82 -1.98 16.58
CA LEU B 71 -0.05 -2.12 17.75
C LEU B 71 -0.02 -0.87 18.65
N GLY B 72 -1.14 -0.57 19.29
CA GLY B 72 -1.11 0.46 20.32
C GLY B 72 -2.53 0.80 20.78
N ARG B 73 -2.65 1.29 22.00
CA ARG B 73 -3.94 1.70 22.57
C ARG B 73 -4.56 2.85 21.76
N ASN B 74 -3.69 3.80 21.42
CA ASN B 74 -4.08 5.05 20.77
C ASN B 74 -3.43 5.11 19.38
N SER B 75 -3.17 6.31 18.87
CA SER B 75 -2.64 6.42 17.52
C SER B 75 -1.13 6.18 17.41
N TYR B 76 -0.41 6.26 18.53
CA TYR B 76 1.01 5.91 18.58
C TYR B 76 1.15 4.38 18.54
N LYS B 77 1.76 3.87 17.47
CA LYS B 77 1.80 2.43 17.25
C LYS B 77 3.21 1.89 17.03
N GLU B 78 3.41 0.64 17.44
CA GLU B 78 4.69 -0.07 17.36
C GLU B 78 4.42 -1.54 16.96
N ARG B 79 5.40 -2.19 16.31
CA ARG B 79 5.36 -3.61 15.98
C ARG B 79 6.34 -4.41 16.87
N TYR B 80 6.09 -5.70 17.02
CA TYR B 80 7.08 -6.66 17.47
C TYR B 80 7.65 -7.34 16.22
N LEU B 81 8.97 -7.54 16.22
CA LEU B 81 9.73 -8.18 15.18
C LEU B 81 10.59 -9.28 15.80
N PHE B 82 10.44 -10.52 15.34
CA PHE B 82 11.34 -11.60 15.71
C PHE B 82 12.19 -11.93 14.46
N LEU B 83 13.50 -12.14 14.63
CA LEU B 83 14.39 -12.51 13.55
C LEU B 83 15.01 -13.76 14.08
N PHE B 84 15.05 -14.82 13.27
CA PHE B 84 15.54 -16.13 13.76
C PHE B 84 16.26 -16.80 12.64
N ARG B 85 17.28 -17.59 13.00
CA ARG B 85 18.09 -18.31 12.06
C ARG B 85 17.37 -19.67 11.85
N PRO B 86 16.83 -19.86 10.64
CA PRO B 86 16.01 -21.04 10.32
C PRO B 86 16.79 -22.34 10.30
N ASN B 87 18.12 -22.27 10.33
CA ASN B 87 18.90 -23.50 10.46
C ASN B 87 19.02 -23.92 11.93
N LYS B 88 18.65 -23.00 12.83
CA LYS B 88 18.61 -23.27 14.25
C LYS B 88 17.23 -23.66 14.78
N VAL B 89 16.21 -22.90 14.41
CA VAL B 89 14.86 -23.18 14.89
C VAL B 89 13.86 -23.05 13.74
N SER B 90 12.68 -23.62 13.92
CA SER B 90 11.61 -23.42 12.94
C SER B 90 10.46 -22.84 13.71
N VAL B 91 9.74 -21.91 13.10
CA VAL B 91 8.45 -21.44 13.61
C VAL B 91 7.34 -22.42 13.25
N LEU B 92 6.67 -22.95 14.28
CA LEU B 92 5.58 -23.91 14.10
C LEU B 92 4.22 -23.22 14.02
N ASP B 93 4.06 -22.13 14.77
CA ASP B 93 2.77 -21.43 14.82
C ASP B 93 3.01 -20.04 15.47
N THR B 94 2.11 -19.09 15.24
CA THR B 94 2.19 -17.78 15.88
C THR B 94 0.74 -17.29 16.09
N TYR B 95 0.55 -16.37 17.03
CA TYR B 95 -0.69 -15.66 17.20
C TYR B 95 -0.47 -14.42 18.08
N GLN B 96 -1.41 -13.50 17.96
CA GLN B 96 -1.40 -12.32 18.79
CA GLN B 96 -1.39 -12.28 18.77
C GLN B 96 -2.47 -12.50 19.84
N TYR B 97 -2.14 -12.18 21.08
CA TYR B 97 -3.02 -12.37 22.21
C TYR B 97 -4.29 -11.55 22.05
N ASP B 98 -5.39 -12.25 22.35
CA ASP B 98 -6.75 -11.86 22.03
C ASP B 98 -7.68 -11.54 23.20
N ASP B 99 -7.58 -12.32 24.29
CA ASP B 99 -8.56 -12.25 25.39
C ASP B 99 -9.99 -12.54 24.90
N GLY B 100 -10.08 -13.30 23.81
CA GLY B 100 -11.37 -13.80 23.32
C GLY B 100 -12.30 -12.87 22.56
N CYS B 101 -11.78 -11.75 22.04
CA CYS B 101 -12.59 -10.90 21.15
C CYS B 101 -11.64 -10.06 20.26
N GLU B 102 -12.20 -9.44 19.22
CA GLU B 102 -11.39 -8.82 18.16
C GLU B 102 -10.36 -7.81 18.70
N SER B 103 -10.80 -7.01 19.68
CA SER B 103 -10.02 -5.88 20.16
C SER B 103 -9.89 -5.95 21.68
N CYS B 104 -10.26 -7.11 22.24
CA CYS B 104 -10.06 -7.42 23.66
C CYS B 104 -8.63 -7.49 24.19
N GLY B 105 -7.65 -7.78 23.32
CA GLY B 105 -6.25 -7.76 23.74
C GLY B 105 -5.92 -6.40 24.33
N ASN B 106 -6.40 -5.34 23.68
CA ASN B 106 -6.21 -3.97 24.17
C ASN B 106 -6.88 -3.67 25.52
N ASP B 107 -7.82 -4.52 25.97
CA ASP B 107 -8.31 -4.39 27.34
C ASP B 107 -7.22 -4.52 28.41
N SER B 108 -6.21 -5.34 28.16
CA SER B 108 -5.15 -5.50 29.17
C SER B 108 -3.74 -5.08 28.77
N PHE B 109 -3.54 -4.77 27.49
CA PHE B 109 -2.21 -4.48 26.97
C PHE B 109 -2.32 -3.43 25.90
N SER B 110 -1.45 -2.43 25.96
CA SER B 110 -1.35 -1.45 24.89
C SER B 110 -0.91 -2.13 23.60
N ARG B 111 0.16 -2.90 23.68
CA ARG B 111 0.70 -3.70 22.55
C ARG B 111 0.53 -5.19 22.83
N GLU B 112 -0.62 -5.71 22.40
CA GLU B 112 -1.00 -7.14 22.57
C GLU B 112 0.18 -8.04 22.26
N PRO B 113 0.61 -8.87 23.24
CA PRO B 113 1.78 -9.74 22.99
C PRO B 113 1.66 -10.61 21.73
N ALA B 114 2.78 -10.69 20.99
CA ALA B 114 2.96 -11.59 19.87
C ALA B 114 3.52 -12.89 20.46
N VAL B 115 3.07 -14.07 20.04
CA VAL B 115 3.42 -15.30 20.71
C VAL B 115 3.88 -16.30 19.62
N VAL B 116 5.07 -16.87 19.76
CA VAL B 116 5.60 -17.62 18.67
C VAL B 116 6.00 -18.98 19.23
N LYS B 117 5.53 -20.07 18.61
CA LYS B 117 5.98 -21.44 18.96
C LYS B 117 7.13 -21.86 18.05
N PHE B 118 8.25 -22.27 18.67
CA PHE B 118 9.44 -22.66 17.96
C PHE B 118 9.61 -24.15 18.15
N SER B 119 10.24 -24.75 17.15
CA SER B 119 10.80 -26.07 17.24
C SER B 119 12.35 -25.96 17.31
N SER B 120 12.98 -26.72 18.22
CA SER B 120 14.39 -26.52 18.50
C SER B 120 15.06 -27.87 18.81
N HIS B 121 15.73 -28.47 17.82
CA HIS B 121 16.36 -29.79 17.96
C HIS B 121 17.72 -29.72 18.62
N SER B 122 18.28 -28.52 18.78
CA SER B 122 19.65 -28.41 19.28
C SER B 122 19.68 -28.24 20.80
N THR B 123 18.50 -28.04 21.40
CA THR B 123 18.36 -27.89 22.86
C THR B 123 17.61 -29.04 23.55
N LYS B 124 17.63 -29.13 24.88
CA LYS B 124 16.85 -30.18 25.57
C LYS B 124 15.34 -29.91 25.38
N VAL B 125 14.93 -28.64 25.42
CA VAL B 125 13.55 -28.28 25.04
C VAL B 125 13.38 -28.45 23.54
N LYS B 126 12.37 -29.20 23.11
CA LYS B 126 12.16 -29.38 21.68
C LYS B 126 11.15 -28.40 21.06
N GLU B 127 10.09 -28.10 21.79
CA GLU B 127 9.19 -27.01 21.42
C GLU B 127 8.97 -26.07 22.60
N PHE B 128 9.06 -24.77 22.33
CA PHE B 128 8.74 -23.76 23.35
C PHE B 128 8.17 -22.52 22.66
N ALA B 129 7.58 -21.66 23.47
CA ALA B 129 6.93 -20.49 22.93
C ALA B 129 7.64 -19.29 23.54
N ILE B 130 7.62 -18.19 22.81
CA ILE B 130 8.09 -16.95 23.37
C ILE B 130 6.96 -15.97 23.25
N VAL B 131 6.76 -15.26 24.36
CA VAL B 131 5.75 -14.25 24.44
C VAL B 131 6.54 -12.95 24.54
N ALA B 132 6.24 -12.02 23.64
CA ALA B 132 6.91 -10.71 23.62
C ALA B 132 6.04 -9.69 24.35
N LEU B 133 6.60 -8.85 25.21
CA LEU B 133 5.82 -7.71 25.67
C LEU B 133 6.66 -6.49 25.79
N HIS B 134 6.22 -5.39 25.16
CA HIS B 134 6.79 -4.09 25.50
C HIS B 134 5.68 -3.41 26.23
N SER B 135 5.81 -3.31 27.56
CA SER B 135 4.65 -2.77 28.33
C SER B 135 4.57 -1.25 28.23
N ALA B 136 3.38 -0.72 28.53
CA ALA B 136 3.16 0.69 28.76
C ALA B 136 3.70 1.01 30.16
N PRO B 137 4.70 1.90 30.24
CA PRO B 137 5.34 2.31 31.48
C PRO B 137 4.32 2.60 32.62
N SER B 138 3.23 3.32 32.31
CA SER B 138 2.24 3.73 33.31
CA SER B 138 2.26 3.72 33.34
C SER B 138 1.31 2.61 33.70
N ASP B 139 1.34 1.54 32.92
CA ASP B 139 0.58 0.37 33.32
C ASP B 139 1.39 -0.85 33.55
N ALA B 140 2.67 -0.67 33.93
CA ALA B 140 3.58 -1.82 33.98
C ALA B 140 3.11 -2.95 34.93
N VAL B 141 2.72 -2.63 36.14
CA VAL B 141 2.36 -3.66 37.10
C VAL B 141 1.23 -4.52 36.53
N ALA B 142 0.14 -3.88 36.09
CA ALA B 142 -1.02 -4.57 35.54
C ALA B 142 -0.66 -5.41 34.31
N GLU B 143 0.10 -4.85 33.37
CA GLU B 143 0.48 -5.61 32.17
C GLU B 143 1.38 -6.81 32.46
N ILE B 144 2.40 -6.65 33.31
CA ILE B 144 3.22 -7.81 33.71
C ILE B 144 2.37 -8.82 34.46
N ASN B 145 1.52 -8.37 35.38
CA ASN B 145 0.55 -9.28 35.98
C ASN B 145 -0.33 -10.01 34.95
N SER B 146 -0.82 -9.29 33.93
CA SER B 146 -1.66 -9.93 32.91
C SER B 146 -0.91 -10.97 32.08
N LEU B 147 0.41 -10.84 31.98
CA LEU B 147 1.23 -11.88 31.31
C LEU B 147 0.95 -13.25 31.93
N TYR B 148 0.59 -13.28 33.20
CA TYR B 148 0.16 -14.57 33.82
C TYR B 148 -0.98 -15.20 33.05
N ASP B 149 -1.97 -14.37 32.71
CA ASP B 149 -3.12 -14.81 31.92
C ASP B 149 -2.76 -15.15 30.49
N VAL B 150 -1.82 -14.40 29.89
CA VAL B 150 -1.26 -14.84 28.60
C VAL B 150 -0.68 -16.28 28.71
N TYR B 151 0.10 -16.56 29.76
CA TYR B 151 0.71 -17.88 29.92
C TYR B 151 -0.37 -18.94 30.02
N LEU B 152 -1.41 -18.68 30.80
CA LEU B 152 -2.56 -19.56 30.82
C LEU B 152 -3.21 -19.73 29.44
N ASP B 153 -3.30 -18.65 28.67
CA ASP B 153 -3.93 -18.77 27.33
C ASP B 153 -3.07 -19.64 26.39
N VAL B 154 -1.74 -19.49 26.46
CA VAL B 154 -0.79 -20.35 25.70
C VAL B 154 -0.96 -21.82 26.09
N GLN B 155 -1.05 -22.07 27.39
CA GLN B 155 -1.31 -23.42 27.91
C GLN B 155 -2.55 -24.06 27.34
N GLN B 156 -3.67 -23.35 27.39
CA GLN B 156 -4.94 -23.88 26.89
C GLN B 156 -4.89 -24.10 25.37
N LYS B 157 -4.36 -23.13 24.64
CA LYS B 157 -4.24 -23.19 23.17
C LYS B 157 -3.31 -24.28 22.65
N TRP B 158 -2.07 -24.33 23.15
CA TRP B 158 -1.02 -25.16 22.56
C TRP B 158 -0.59 -26.34 23.42
N HIS B 159 -1.26 -26.48 24.56
CA HIS B 159 -0.99 -27.56 25.53
C HIS B 159 0.50 -27.57 25.84
N LEU B 160 1.05 -26.39 26.10
CA LEU B 160 2.49 -26.24 26.22
C LEU B 160 2.75 -25.57 27.56
N ASN B 161 3.69 -26.10 28.35
CA ASN B 161 4.12 -25.51 29.61
C ASN B 161 5.40 -24.69 29.48
N ASP B 162 6.17 -24.97 28.43
CA ASP B 162 7.48 -24.35 28.17
C ASP B 162 7.40 -23.04 27.41
N VAL B 163 7.49 -21.94 28.17
CA VAL B 163 7.19 -20.63 27.60
C VAL B 163 8.16 -19.64 28.17
N MET B 164 8.83 -18.87 27.33
CA MET B 164 9.70 -17.78 27.75
C MET B 164 8.96 -16.45 27.50
N LEU B 165 8.98 -15.53 28.46
CA LEU B 165 8.25 -14.30 28.32
C LEU B 165 9.28 -13.26 28.50
N MET B 166 9.40 -12.36 27.51
CA MET B 166 10.51 -11.44 27.48
C MET B 166 10.17 -10.13 26.81
N GLY B 167 10.96 -9.11 27.15
CA GLY B 167 10.88 -7.83 26.48
C GLY B 167 11.11 -6.71 27.50
N ASP B 168 10.82 -5.49 27.07
CA ASP B 168 10.95 -4.32 27.92
C ASP B 168 9.66 -4.21 28.73
N PHE B 169 9.68 -4.82 29.91
CA PHE B 169 8.52 -4.88 30.79
C PHE B 169 8.42 -3.58 31.59
N ASN B 170 9.32 -2.60 31.38
CA ASN B 170 9.43 -1.43 32.31
C ASN B 170 9.41 -1.82 33.80
N ALA B 171 10.03 -2.96 34.11
CA ALA B 171 9.90 -3.61 35.40
C ALA B 171 10.83 -3.14 36.55
N ASP B 172 10.87 -1.85 36.85
CA ASP B 172 11.77 -1.37 37.90
C ASP B 172 11.50 0.10 38.13
N CYS B 173 12.24 0.69 39.07
CA CYS B 173 12.30 2.15 39.21
C CYS B 173 10.91 2.72 39.47
N SER B 174 10.52 3.81 38.81
CA SER B 174 9.23 4.43 39.18
C SER B 174 8.00 3.65 38.69
N TYR B 175 8.25 2.67 37.83
CA TYR B 175 7.14 1.94 37.15
C TYR B 175 6.75 0.62 37.85
N VAL B 176 7.71 -0.10 38.44
CA VAL B 176 7.33 -1.18 39.36
C VAL B 176 8.21 -1.03 40.62
N THR B 177 7.67 -0.61 41.77
CA THR B 177 8.51 -0.43 42.98
C THR B 177 8.57 -1.76 43.74
N SER B 178 9.38 -1.85 44.82
CA SER B 178 9.61 -3.12 45.52
C SER B 178 8.32 -3.67 46.06
N SER B 179 7.53 -2.81 46.68
CA SER B 179 6.30 -3.28 47.33
C SER B 179 5.32 -3.92 46.34
N GLN B 180 5.45 -3.56 45.06
CA GLN B 180 4.45 -3.91 44.03
C GLN B 180 4.68 -5.31 43.46
N TRP B 181 5.87 -5.86 43.68
CA TRP B 181 6.18 -7.19 43.11
C TRP B 181 5.21 -8.26 43.60
N SER B 182 4.66 -8.07 44.80
CA SER B 182 3.83 -9.09 45.40
C SER B 182 2.49 -9.13 44.72
N SER B 183 2.16 -8.14 43.90
CA SER B 183 0.84 -8.10 43.28
C SER B 183 0.93 -8.64 41.85
N ILE B 184 2.14 -9.01 41.42
CA ILE B 184 2.38 -9.48 40.08
C ILE B 184 2.52 -11.02 40.08
N ARG B 185 1.46 -11.71 39.62
CA ARG B 185 1.42 -13.18 39.66
C ARG B 185 2.57 -13.84 38.90
N LEU B 186 3.05 -13.18 37.85
CA LEU B 186 4.20 -13.71 37.08
C LEU B 186 5.49 -13.83 37.92
N ARG B 187 5.52 -13.05 38.99
CA ARG B 187 6.61 -13.01 39.90
C ARG B 187 6.33 -13.88 41.10
N THR B 188 5.13 -13.79 41.69
CA THR B 188 4.83 -14.56 42.91
C THR B 188 4.58 -16.05 42.65
N SER B 189 4.14 -16.42 41.45
CA SER B 189 3.95 -17.84 41.12
C SER B 189 5.29 -18.53 40.96
N SER B 190 5.47 -19.66 41.63
CA SER B 190 6.74 -20.40 41.56
C SER B 190 6.86 -21.21 40.24
N THR B 191 5.82 -21.17 39.41
CA THR B 191 5.90 -21.63 38.02
C THR B 191 7.00 -20.89 37.22
N PHE B 192 7.41 -19.69 37.62
CA PHE B 192 8.27 -18.83 36.79
C PHE B 192 9.67 -18.58 37.37
N GLN B 193 10.72 -18.63 36.53
CA GLN B 193 12.06 -18.20 36.96
C GLN B 193 12.42 -16.89 36.25
N TRP B 194 12.80 -15.89 37.03
CA TRP B 194 13.17 -14.59 36.47
C TRP B 194 14.67 -14.65 36.27
N LEU B 195 15.12 -14.59 35.02
CA LEU B 195 16.54 -14.77 34.70
C LEU B 195 17.37 -13.48 34.77
N ILE B 196 16.75 -12.32 34.51
CA ILE B 196 17.43 -11.02 34.67
C ILE B 196 16.98 -10.49 36.03
N PRO B 197 17.91 -10.28 36.98
CA PRO B 197 17.50 -9.92 38.33
C PRO B 197 17.15 -8.45 38.45
N ASP B 198 16.49 -8.11 39.56
CA ASP B 198 16.14 -6.71 39.87
C ASP B 198 17.35 -5.78 39.97
N SER B 199 18.54 -6.35 40.21
CA SER B 199 19.79 -5.61 40.33
C SER B 199 20.41 -5.15 39.00
N ALA B 200 19.95 -5.70 37.88
CA ALA B 200 20.57 -5.56 36.55
C ALA B 200 20.25 -4.18 35.99
N ASP B 201 21.19 -3.65 35.21
CA ASP B 201 20.96 -2.36 34.61
C ASP B 201 20.73 -2.66 33.15
N THR B 202 19.53 -2.37 32.66
CA THR B 202 19.33 -2.69 31.25
C THR B 202 19.11 -1.46 30.40
N THR B 203 19.43 -0.26 30.89
CA THR B 203 19.24 0.93 30.11
C THR B 203 20.58 1.45 29.68
N ALA B 204 20.65 2.00 28.47
CA ALA B 204 21.93 2.57 27.97
C ALA B 204 22.06 4.00 28.53
N THR B 205 20.95 4.51 29.08
CA THR B 205 20.94 5.80 29.78
C THR B 205 21.53 5.73 31.18
N SER B 206 21.72 6.89 31.78
CA SER B 206 22.23 6.96 33.13
C SER B 206 21.23 6.53 34.23
N THR B 207 20.04 6.03 33.91
CA THR B 207 19.23 5.41 34.99
C THR B 207 19.80 4.00 35.30
N ASN B 208 19.54 3.47 36.50
CA ASN B 208 19.98 2.10 36.83
C ASN B 208 18.69 1.36 37.03
N CYS B 209 18.21 0.66 35.97
CA CYS B 209 16.89 0.03 36.02
C CYS B 209 16.90 -1.30 35.28
N ALA B 210 16.29 -2.30 35.89
CA ALA B 210 16.05 -3.58 35.23
C ALA B 210 14.73 -3.53 34.52
N TYR B 211 14.57 -2.65 33.53
CA TYR B 211 13.35 -2.63 32.75
C TYR B 211 13.08 -3.89 31.94
N ASP B 212 14.10 -4.42 31.27
CA ASP B 212 13.99 -5.52 30.31
C ASP B 212 14.28 -6.84 31.04
N ARG B 213 13.49 -7.88 30.72
CA ARG B 213 13.47 -9.08 31.51
C ARG B 213 13.26 -10.29 30.62
N ILE B 214 13.61 -11.47 31.18
CA ILE B 214 13.45 -12.74 30.51
C ILE B 214 12.98 -13.65 31.62
N VAL B 215 11.77 -14.18 31.45
CA VAL B 215 11.12 -15.06 32.42
C VAL B 215 10.89 -16.41 31.73
N VAL B 216 11.11 -17.50 32.44
CA VAL B 216 10.84 -18.84 31.90
C VAL B 216 9.97 -19.71 32.79
N ALA B 217 9.06 -20.42 32.11
CA ALA B 217 8.21 -21.45 32.69
C ALA B 217 8.40 -22.78 31.95
N GLY B 218 8.07 -23.90 32.59
CA GLY B 218 8.19 -25.19 31.92
C GLY B 218 9.43 -25.88 32.45
N SER B 219 9.30 -27.09 33.01
CA SER B 219 10.48 -27.70 33.63
C SER B 219 11.56 -28.02 32.58
N LEU B 220 11.17 -28.41 31.37
CA LEU B 220 12.17 -28.70 30.34
C LEU B 220 12.94 -27.43 29.93
N LEU B 221 12.22 -26.36 29.60
CA LEU B 221 12.86 -25.07 29.30
C LEU B 221 13.76 -24.57 30.41
N GLN B 222 13.29 -24.60 31.65
CA GLN B 222 14.09 -24.19 32.79
C GLN B 222 15.40 -24.99 32.84
N SER B 223 15.29 -26.30 32.61
CA SER B 223 16.46 -27.20 32.57
C SER B 223 17.43 -26.89 31.39
N SER B 224 16.93 -26.28 30.33
CA SER B 224 17.78 -25.96 29.19
C SER B 224 18.64 -24.70 29.39
N VAL B 225 18.22 -23.79 30.28
CA VAL B 225 18.94 -22.52 30.51
C VAL B 225 20.36 -22.79 31.00
N VAL B 226 21.37 -22.26 30.32
CA VAL B 226 22.75 -22.26 30.82
C VAL B 226 23.00 -21.33 32.03
N PRO B 227 23.34 -21.90 33.22
CA PRO B 227 23.51 -21.01 34.39
C PRO B 227 24.54 -19.89 34.16
N GLY B 228 24.20 -18.69 34.66
CA GLY B 228 25.01 -17.48 34.50
C GLY B 228 24.97 -16.79 33.12
N SER B 229 24.21 -17.37 32.19
CA SER B 229 24.14 -16.84 30.82
C SER B 229 23.18 -15.67 30.62
N ALA B 230 22.18 -15.48 31.49
CA ALA B 230 21.22 -14.40 31.27
C ALA B 230 21.81 -13.10 31.80
N ALA B 231 21.88 -12.05 30.98
CA ALA B 231 22.46 -10.75 31.38
C ALA B 231 22.05 -9.66 30.36
N PRO B 232 22.13 -8.37 30.73
CA PRO B 232 22.01 -7.36 29.67
C PRO B 232 23.29 -7.43 28.83
N PHE B 233 23.23 -7.00 27.57
CA PHE B 233 24.44 -6.90 26.75
C PHE B 233 24.81 -5.40 26.61
N ASP B 234 25.88 -4.96 27.25
CA ASP B 234 26.22 -3.53 27.28
C ASP B 234 27.06 -3.25 26.03
N PHE B 235 26.39 -2.86 24.95
CA PHE B 235 27.05 -2.65 23.65
C PHE B 235 27.95 -1.42 23.66
N GLN B 236 27.71 -0.52 24.59
CA GLN B 236 28.62 0.60 24.72
C GLN B 236 29.99 0.09 25.16
N ALA B 237 30.02 -0.77 26.19
CA ALA B 237 31.29 -1.36 26.60
C ALA B 237 31.87 -2.33 25.54
N ALA B 238 31.02 -3.19 25.00
CA ALA B 238 31.46 -4.16 23.99
C ALA B 238 32.10 -3.50 22.79
N TYR B 239 31.50 -2.42 22.29
CA TYR B 239 32.04 -1.85 21.07
C TYR B 239 32.93 -0.60 21.36
N GLY B 240 33.34 -0.42 22.61
CA GLY B 240 34.02 0.82 23.02
C GLY B 240 33.40 2.08 22.42
N LEU B 241 32.11 2.31 22.63
CA LEU B 241 31.42 3.49 22.07
C LEU B 241 31.44 4.64 23.08
N SER B 242 31.24 5.86 22.62
CA SER B 242 30.96 6.99 23.52
C SER B 242 29.53 6.81 24.00
N ASN B 243 29.12 7.45 25.12
CA ASN B 243 27.73 7.34 25.56
C ASN B 243 26.81 7.93 24.49
N GLU B 244 27.27 8.92 23.73
CA GLU B 244 26.39 9.54 22.75
C GLU B 244 26.05 8.65 21.55
N MET B 245 27.06 7.96 21.03
CA MET B 245 26.87 6.96 20.00
C MET B 245 25.98 5.85 20.55
N ALA B 246 26.25 5.35 21.74
CA ALA B 246 25.39 4.32 22.38
C ALA B 246 23.90 4.72 22.41
N LEU B 247 23.62 5.94 22.82
CA LEU B 247 22.25 6.42 22.90
C LEU B 247 21.63 6.60 21.52
N ALA B 248 22.45 6.88 20.51
CA ALA B 248 21.99 6.91 19.15
C ALA B 248 21.49 5.52 18.68
N ILE B 249 22.05 4.45 19.24
CA ILE B 249 21.57 3.09 18.91
C ILE B 249 20.27 2.84 19.60
N SER B 250 20.20 3.02 20.92
CA SER B 250 18.98 2.79 21.67
C SER B 250 19.15 3.32 23.07
N ASP B 251 18.04 3.50 23.79
CA ASP B 251 18.24 3.75 25.21
C ASP B 251 18.16 2.52 26.15
N HIS B 252 18.05 1.33 25.55
CA HIS B 252 18.08 0.06 26.25
C HIS B 252 19.22 -0.82 25.76
N TYR B 253 19.74 -1.69 26.63
CA TYR B 253 20.56 -2.77 26.17
C TYR B 253 19.68 -3.97 25.85
N PRO B 254 20.15 -4.84 24.91
CA PRO B 254 19.49 -6.14 24.79
C PRO B 254 19.59 -6.93 26.08
N VAL B 255 18.60 -7.78 26.37
CA VAL B 255 18.84 -8.81 27.40
C VAL B 255 18.94 -10.16 26.69
N GLU B 256 19.88 -10.99 27.13
CA GLU B 256 20.17 -12.21 26.42
C GLU B 256 20.21 -13.45 27.34
N VAL B 257 20.11 -14.63 26.76
CA VAL B 257 20.24 -15.87 27.52
C VAL B 257 20.63 -16.98 26.57
N THR B 258 21.25 -18.03 27.07
CA THR B 258 21.65 -19.15 26.23
C THR B 258 21.01 -20.45 26.72
N LEU B 259 20.61 -21.29 25.77
CA LEU B 259 19.91 -22.53 26.06
C LEU B 259 20.76 -23.62 25.46
N THR B 260 20.69 -24.81 26.08
CA THR B 260 21.50 -25.93 25.64
C THR B 260 20.73 -27.27 25.70
N ARG C 2 -26.30 -2.74 -33.97
CA ARG C 2 -25.32 -1.62 -34.01
C ARG C 2 -26.09 -0.30 -33.87
N GLY C 3 -27.05 -0.05 -34.77
CA GLY C 3 -27.92 1.12 -34.65
C GLY C 3 -28.79 1.09 -33.40
N ALA C 4 -29.36 -0.09 -33.12
CA ALA C 4 -30.19 -0.31 -31.94
C ALA C 4 -29.39 -0.07 -30.66
N LEU C 5 -28.12 -0.47 -30.67
CA LEU C 5 -27.25 -0.37 -29.50
C LEU C 5 -26.95 1.09 -29.19
N LEU C 6 -26.51 1.83 -30.20
CA LEU C 6 -26.20 3.26 -30.10
C LEU C 6 -27.44 4.05 -29.66
N ASP C 7 -28.60 3.69 -30.21
CA ASP C 7 -29.89 4.20 -29.72
C ASP C 7 -30.07 4.03 -28.21
N GLN C 8 -29.87 2.81 -27.69
CA GLN C 8 -30.00 2.57 -26.26
C GLN C 8 -28.96 3.35 -25.45
N ILE C 9 -27.72 3.38 -25.93
CA ILE C 9 -26.66 4.13 -25.27
C ILE C 9 -27.05 5.60 -25.12
N ARG C 10 -27.57 6.19 -26.18
CA ARG C 10 -27.93 7.60 -26.14
C ARG C 10 -29.06 7.86 -25.14
N GLN C 11 -29.97 6.89 -24.97
CA GLN C 11 -31.15 7.05 -24.14
C GLN C 11 -30.88 6.89 -22.66
N GLY C 12 -29.83 6.15 -22.33
CA GLY C 12 -29.37 6.00 -20.96
C GLY C 12 -30.06 4.87 -20.22
N ILE C 13 -29.47 4.48 -19.10
CA ILE C 13 -30.00 3.43 -18.24
C ILE C 13 -29.96 4.06 -16.85
N GLN C 14 -30.89 3.65 -15.97
CA GLN C 14 -30.84 4.02 -14.58
C GLN C 14 -30.02 3.02 -13.77
N LEU C 15 -28.90 3.51 -13.23
CA LEU C 15 -27.97 2.71 -12.42
C LEU C 15 -28.31 2.79 -10.94
N ASN C 16 -28.09 1.70 -10.22
CA ASN C 16 -28.44 1.62 -8.81
C ASN C 16 -27.33 2.13 -7.91
N LYS C 17 -27.69 2.53 -6.70
CA LYS C 17 -26.71 2.85 -5.64
C LYS C 17 -25.97 1.57 -5.26
N THR C 18 -24.65 1.69 -5.16
CA THR C 18 -23.78 0.56 -4.90
C THR C 18 -23.62 0.22 -3.40
#